data_8BZX
#
_entry.id   8BZX
#
_cell.length_a   119.249
_cell.length_b   150.969
_cell.length_c   142.145
_cell.angle_alpha   90.000
_cell.angle_beta   90.000
_cell.angle_gamma   90.000
#
_symmetry.space_group_name_H-M   'C 2 2 21'
#
loop_
_entity.id
_entity.type
_entity.pdbx_description
1 polymer '1-deoxy-D-xylulose-5-phosphate synthase'
2 non-polymer '2-[4-[(4-azanyl-2-methyl-pyrimidin-5-yl)methyl]-3-methyl-5-propanoyl-thiophen-2-yl]ethyl dihydrogen phosphate'
3 non-polymer 'MAGNESIUM ION'
4 water water
#
_entity_poly.entity_id   1
_entity_poly.type   'polypeptide(L)'
_entity_poly.pdbx_seq_one_letter_code
;MSFDIAKYPTLALVDSTQELRLLPKESLPKLCDELRRYLLDSVSRSSGHFASGLGTVELTVALHYVYNTPFDRLIWDVGH
QAYPHKILTGRRDKIGTIRQKGGLHPFPWRGESEYDVLSVGHSSTSISAGIGVAIAAAKEDKQRRAVCVIGDGAITAGMA
FEAMNHAGDIKPDLLVVLNDNEMSISENVGALNNHLAGGGGGGGPGTLFEELGFNYIGPVDGHDVLGLVSTLKNMRDLKG
PQFLHIMTKKGRGYEPAEKDPITFHAVPKFDHTSGVLPKSSGGLPSYSKIFGDWLCETAAKDNKLMAITPAMREGSGMVE
FSKKFPDRYFDVAIAEQHAVTFAAGLAIGDYKPVVAIYSTFLQRAYDQVIHDVAIQKLPVLFAIDRAGIVGADGQTHQGA
FDLSFLRCIPDMVVMTPSDENECRQMLYTGYHYSDGPCAVRYPRGSGTGATLEPLASLPIGKGVVKRQGEKIAILNFGTL
LPEAAAVADKLNATLVDMRFVKPLDTALILQLAGEHDALVTLEENAIMGGAGSGVNEVLMAHRRAVPVLNIGLPDYFIPQ
GTQEEIRADLGLDAAGIEAKIRDWLA
;
_entity_poly.pdbx_strand_id   A,B
#
# COMPACT_ATOMS: atom_id res chain seq x y z
N ASP A 4 -23.19 -17.31 -39.30
CA ASP A 4 -22.92 -17.69 -37.92
C ASP A 4 -22.71 -19.20 -37.79
N ILE A 5 -23.82 -19.94 -37.83
CA ILE A 5 -23.78 -21.35 -37.46
C ILE A 5 -22.91 -22.14 -38.44
N ALA A 6 -22.99 -21.83 -39.72
CA ALA A 6 -22.25 -22.60 -40.71
C ALA A 6 -20.74 -22.58 -40.43
N LYS A 7 -20.21 -21.42 -40.05
CA LYS A 7 -18.79 -21.32 -39.78
C LYS A 7 -18.43 -22.03 -38.47
N TYR A 8 -19.20 -21.78 -37.41
CA TYR A 8 -18.89 -22.26 -36.06
C TYR A 8 -20.03 -23.16 -35.58
N PRO A 9 -20.11 -24.40 -36.09
CA PRO A 9 -21.23 -25.27 -35.70
C PRO A 9 -21.25 -25.64 -34.23
N THR A 10 -20.09 -26.02 -33.67
CA THR A 10 -20.06 -26.43 -32.28
C THR A 10 -20.23 -25.24 -31.35
N LEU A 11 -19.55 -24.13 -31.65
CA LEU A 11 -19.75 -22.92 -30.87
C LEU A 11 -21.21 -22.49 -30.89
N ALA A 12 -21.90 -22.72 -32.00
CA ALA A 12 -23.32 -22.39 -32.08
C ALA A 12 -24.09 -23.03 -30.94
N LEU A 13 -23.73 -24.25 -30.56
CA LEU A 13 -24.50 -25.00 -29.57
C LEU A 13 -24.28 -24.50 -28.16
N VAL A 14 -23.12 -23.93 -27.86
CA VAL A 14 -22.79 -23.48 -26.51
C VAL A 14 -22.92 -21.96 -26.48
N ASP A 15 -24.08 -21.48 -26.02
CA ASP A 15 -24.23 -20.11 -25.58
C ASP A 15 -24.29 -20.02 -24.07
N SER A 16 -24.29 -21.14 -23.37
CA SER A 16 -24.21 -21.22 -21.91
C SER A 16 -23.32 -22.40 -21.54
N THR A 17 -22.73 -22.32 -20.36
CA THR A 17 -21.85 -23.41 -19.91
C THR A 17 -22.63 -24.70 -19.69
N GLN A 18 -23.94 -24.60 -19.41
CA GLN A 18 -24.74 -25.79 -19.20
C GLN A 18 -24.77 -26.66 -20.44
N GLU A 19 -24.86 -26.04 -21.62
CA GLU A 19 -24.83 -26.79 -22.86
C GLU A 19 -23.43 -27.32 -23.15
N LEU A 20 -22.41 -26.47 -22.92
CA LEU A 20 -21.03 -26.91 -23.10
C LEU A 20 -20.80 -28.27 -22.45
N ARG A 21 -21.16 -28.39 -21.17
CA ARG A 21 -21.02 -29.60 -20.38
C ARG A 21 -21.95 -30.73 -20.82
N LEU A 22 -22.81 -30.50 -21.82
CA LEU A 22 -23.61 -31.57 -22.42
C LEU A 22 -23.00 -32.11 -23.71
N LEU A 23 -21.97 -31.46 -24.24
CA LEU A 23 -21.29 -31.91 -25.43
C LEU A 23 -20.44 -33.15 -25.10
N PRO A 24 -20.26 -34.06 -26.05
CA PRO A 24 -19.31 -35.15 -25.84
C PRO A 24 -17.88 -34.63 -25.76
N LYS A 25 -17.07 -35.29 -24.92
CA LYS A 25 -15.65 -34.93 -24.82
C LYS A 25 -15.00 -34.85 -26.19
N GLU A 26 -15.31 -35.81 -27.07
CA GLU A 26 -14.64 -35.89 -28.36
C GLU A 26 -14.78 -34.60 -29.16
N SER A 27 -15.83 -33.83 -28.93
CA SER A 27 -16.09 -32.60 -29.68
C SER A 27 -15.40 -31.39 -29.08
N LEU A 28 -14.85 -31.49 -27.87
CA LEU A 28 -14.17 -30.35 -27.27
C LEU A 28 -12.99 -29.84 -28.10
N PRO A 29 -12.18 -30.69 -28.74
CA PRO A 29 -11.12 -30.13 -29.60
C PRO A 29 -11.68 -29.29 -30.74
N LYS A 30 -12.68 -29.79 -31.46
CA LYS A 30 -13.31 -29.01 -32.52
C LYS A 30 -13.84 -27.68 -31.98
N LEU A 31 -14.43 -27.71 -30.79
CA LEU A 31 -14.89 -26.47 -30.17
C LEU A 31 -13.75 -25.49 -30.01
N CYS A 32 -12.56 -25.99 -29.65
CA CYS A 32 -11.42 -25.11 -29.40
C CYS A 32 -10.94 -24.45 -30.68
N ASP A 33 -11.07 -25.12 -31.83
CA ASP A 33 -10.63 -24.50 -33.07
C ASP A 33 -11.58 -23.38 -33.47
N GLU A 34 -12.88 -23.64 -33.40
CA GLU A 34 -13.87 -22.61 -33.73
C GLU A 34 -13.78 -21.43 -32.76
N LEU A 35 -13.68 -21.71 -31.47
CA LEU A 35 -13.51 -20.64 -30.49
C LEU A 35 -12.26 -19.82 -30.81
N ARG A 36 -11.17 -20.47 -31.22
CA ARG A 36 -9.98 -19.75 -31.60
C ARG A 36 -10.21 -18.91 -32.86
N ARG A 37 -10.87 -19.49 -33.86
CA ARG A 37 -11.21 -18.73 -35.06
C ARG A 37 -12.15 -17.58 -34.74
N TYR A 38 -13.22 -17.85 -34.00
CA TYR A 38 -14.14 -16.78 -33.61
C TYR A 38 -13.39 -15.64 -32.93
N LEU A 39 -12.43 -15.97 -32.07
CA LEU A 39 -11.62 -14.95 -31.41
C LEU A 39 -10.88 -14.10 -32.44
N LEU A 40 -10.21 -14.75 -33.39
CA LEU A 40 -9.40 -14.04 -34.36
C LEU A 40 -10.20 -13.13 -35.28
N ASP A 41 -11.50 -13.40 -35.44
CA ASP A 41 -12.34 -12.49 -36.21
C ASP A 41 -12.69 -11.24 -35.42
N SER A 42 -13.14 -11.41 -34.17
CA SER A 42 -13.73 -10.30 -33.43
C SER A 42 -12.69 -9.34 -32.87
N VAL A 43 -11.59 -9.85 -32.30
CA VAL A 43 -10.63 -8.94 -31.68
C VAL A 43 -9.77 -8.24 -32.73
N SER A 44 -9.57 -8.85 -33.90
CA SER A 44 -8.88 -8.16 -34.99
C SER A 44 -9.65 -6.94 -35.48
N ARG A 45 -10.90 -6.77 -35.04
CA ARG A 45 -11.73 -5.65 -35.44
C ARG A 45 -12.27 -4.86 -34.25
N SER A 46 -11.90 -5.24 -33.03
CA SER A 46 -12.26 -4.50 -31.82
C SER A 46 -11.05 -4.11 -30.97
N SER A 47 -9.88 -4.71 -31.20
CA SER A 47 -8.68 -4.43 -30.42
C SER A 47 -8.77 -5.00 -29.01
N GLY A 48 -7.67 -4.95 -28.27
CA GLY A 48 -7.65 -5.41 -26.90
C GLY A 48 -6.54 -6.42 -26.67
N HIS A 49 -6.72 -7.25 -25.64
CA HIS A 49 -5.76 -8.28 -25.28
C HIS A 49 -6.22 -9.61 -25.86
N PHE A 50 -5.98 -9.80 -27.15
CA PHE A 50 -6.44 -11.04 -27.79
C PHE A 50 -5.41 -12.16 -27.74
N ALA A 51 -4.12 -11.85 -27.80
CA ALA A 51 -3.10 -12.90 -27.78
C ALA A 51 -3.10 -13.64 -26.46
N SER A 52 -3.32 -12.92 -25.35
CA SER A 52 -3.49 -13.60 -24.07
C SER A 52 -4.66 -14.57 -24.12
N GLY A 53 -5.74 -14.20 -24.82
CA GLY A 53 -6.90 -15.07 -24.89
C GLY A 53 -6.67 -16.30 -25.75
N LEU A 54 -6.00 -16.14 -26.89
CA LEU A 54 -5.67 -17.28 -27.73
C LEU A 54 -4.99 -18.39 -26.94
N GLY A 55 -4.20 -18.02 -25.93
CA GLY A 55 -3.48 -19.00 -25.14
C GLY A 55 -4.26 -19.65 -24.03
N THR A 56 -5.47 -19.17 -23.72
CA THR A 56 -6.31 -19.79 -22.70
C THR A 56 -7.56 -20.44 -23.30
N VAL A 57 -7.59 -20.65 -24.61
CA VAL A 57 -8.79 -21.20 -25.26
C VAL A 57 -9.09 -22.60 -24.72
N GLU A 58 -8.11 -23.50 -24.81
CA GLU A 58 -8.31 -24.85 -24.30
C GLU A 58 -8.58 -24.85 -22.81
N LEU A 59 -7.83 -24.04 -22.05
CA LEU A 59 -7.99 -24.04 -20.60
C LEU A 59 -9.38 -23.54 -20.22
N THR A 60 -9.88 -22.51 -20.90
CA THR A 60 -11.21 -21.98 -20.60
C THR A 60 -12.29 -23.00 -20.90
N VAL A 61 -12.18 -23.69 -22.03
CA VAL A 61 -13.11 -24.76 -22.36
C VAL A 61 -13.04 -25.88 -21.33
N ALA A 62 -11.81 -26.27 -20.93
CA ALA A 62 -11.66 -27.36 -19.98
C ALA A 62 -12.24 -27.00 -18.62
N LEU A 63 -12.06 -25.76 -18.20
CA LEU A 63 -12.53 -25.33 -16.88
C LEU A 63 -14.05 -25.33 -16.78
N HIS A 64 -14.73 -24.71 -17.76
CA HIS A 64 -16.18 -24.64 -17.73
C HIS A 64 -16.81 -26.00 -18.02
N TYR A 65 -16.09 -26.88 -18.73
CA TYR A 65 -16.59 -28.23 -18.93
C TYR A 65 -16.53 -29.06 -17.66
N VAL A 66 -15.48 -28.87 -16.86
CA VAL A 66 -15.27 -29.69 -15.67
C VAL A 66 -15.94 -29.10 -14.42
N TYR A 67 -15.85 -27.79 -14.22
CA TYR A 67 -16.45 -27.15 -13.04
C TYR A 67 -17.89 -26.76 -13.34
N ASN A 68 -18.72 -26.72 -12.28
CA ASN A 68 -20.14 -26.43 -12.43
C ASN A 68 -20.40 -24.93 -12.27
N THR A 69 -19.85 -24.17 -13.21
CA THR A 69 -20.03 -22.73 -13.15
C THR A 69 -21.45 -22.38 -13.60
N PRO A 70 -22.09 -21.34 -13.02
CA PRO A 70 -21.54 -20.34 -12.10
C PRO A 70 -21.61 -20.68 -10.61
N PHE A 71 -22.15 -21.84 -10.23
CA PHE A 71 -22.13 -22.27 -8.82
C PHE A 71 -20.70 -22.46 -8.33
N ASP A 72 -19.96 -23.39 -8.93
CA ASP A 72 -18.53 -23.45 -8.71
C ASP A 72 -17.91 -22.12 -9.12
N ARG A 73 -16.91 -21.68 -8.38
CA ARG A 73 -16.35 -20.34 -8.51
C ARG A 73 -14.98 -20.39 -9.17
N LEU A 74 -14.88 -19.74 -10.32
CA LEU A 74 -13.65 -19.61 -11.09
C LEU A 74 -13.22 -18.15 -11.11
N ILE A 75 -11.94 -17.90 -10.86
CA ILE A 75 -11.40 -16.55 -10.75
C ILE A 75 -10.24 -16.40 -11.72
N TRP A 76 -10.33 -15.40 -12.60
CA TRP A 76 -9.26 -15.13 -13.56
C TRP A 76 -8.38 -14.00 -13.04
N ASP A 77 -7.07 -14.22 -13.04
CA ASP A 77 -6.14 -13.19 -12.58
C ASP A 77 -5.89 -12.16 -13.68
N VAL A 78 -5.95 -10.89 -13.31
CA VAL A 78 -5.82 -9.77 -14.25
C VAL A 78 -7.05 -9.66 -15.14
N GLY A 79 -7.34 -10.71 -15.90
CA GLY A 79 -8.49 -10.73 -16.78
C GLY A 79 -8.18 -10.51 -18.25
N HIS A 80 -6.95 -10.13 -18.59
CA HIS A 80 -6.58 -9.88 -19.99
C HIS A 80 -6.58 -11.15 -20.83
N GLN A 81 -6.72 -12.32 -20.22
CA GLN A 81 -6.79 -13.60 -20.93
C GLN A 81 -8.18 -14.21 -20.88
N ALA A 82 -9.20 -13.39 -20.61
CA ALA A 82 -10.52 -13.93 -20.30
C ALA A 82 -11.57 -13.60 -21.35
N TYR A 83 -11.16 -13.27 -22.58
CA TYR A 83 -12.16 -13.12 -23.64
C TYR A 83 -12.85 -14.44 -23.93
N PRO A 84 -12.15 -15.56 -24.11
CA PRO A 84 -12.84 -16.86 -24.25
C PRO A 84 -13.80 -17.13 -23.10
N HIS A 85 -13.41 -16.77 -21.88
CA HIS A 85 -14.32 -16.89 -20.75
C HIS A 85 -15.61 -16.14 -21.01
N LYS A 86 -15.51 -14.84 -21.36
CA LYS A 86 -16.71 -14.07 -21.63
C LYS A 86 -17.51 -14.66 -22.79
N ILE A 87 -16.81 -15.20 -23.80
CA ILE A 87 -17.51 -15.75 -24.96
C ILE A 87 -18.35 -16.95 -24.56
N LEU A 88 -17.82 -17.79 -23.67
CA LEU A 88 -18.51 -19.01 -23.26
C LEU A 88 -19.56 -18.78 -22.20
N THR A 89 -19.57 -17.60 -21.56
CA THR A 89 -20.53 -17.32 -20.50
C THR A 89 -21.58 -16.32 -20.96
N GLY A 90 -22.16 -16.56 -22.14
CA GLY A 90 -23.32 -15.81 -22.61
C GLY A 90 -23.05 -14.47 -23.25
N ARG A 91 -21.79 -14.07 -23.41
CA ARG A 91 -21.48 -12.77 -24.01
C ARG A 91 -20.84 -12.90 -25.38
N ARG A 92 -20.96 -14.08 -26.01
CA ARG A 92 -20.39 -14.30 -27.33
C ARG A 92 -20.74 -13.17 -28.30
N ASP A 93 -22.03 -12.83 -28.39
CA ASP A 93 -22.49 -11.89 -29.40
C ASP A 93 -22.12 -10.44 -29.11
N LYS A 94 -21.70 -10.12 -27.89
CA LYS A 94 -21.27 -8.78 -27.54
C LYS A 94 -19.76 -8.65 -27.39
N ILE A 95 -18.99 -9.72 -27.67
CA ILE A 95 -17.55 -9.65 -27.47
C ILE A 95 -16.93 -8.59 -28.37
N GLY A 96 -17.54 -8.32 -29.52
CA GLY A 96 -17.04 -7.31 -30.43
C GLY A 96 -17.08 -5.91 -29.85
N THR A 97 -17.85 -5.71 -28.77
CA THR A 97 -17.93 -4.41 -28.12
C THR A 97 -16.95 -4.26 -26.98
N ILE A 98 -16.15 -5.29 -26.68
CA ILE A 98 -15.28 -5.24 -25.51
C ILE A 98 -14.33 -4.05 -25.62
N ARG A 99 -14.15 -3.35 -24.50
CA ARG A 99 -13.28 -2.18 -24.34
C ARG A 99 -13.89 -0.89 -24.93
N GLN A 100 -15.09 -0.93 -25.51
CA GLN A 100 -15.69 0.29 -26.04
C GLN A 100 -16.52 0.97 -24.97
N LYS A 101 -16.73 2.26 -25.16
CA LYS A 101 -17.65 3.00 -24.30
C LYS A 101 -19.00 2.31 -24.28
N GLY A 102 -19.44 1.91 -23.09
CA GLY A 102 -20.69 1.19 -22.99
C GLY A 102 -20.65 -0.24 -23.50
N GLY A 103 -19.47 -0.78 -23.78
CA GLY A 103 -19.33 -2.16 -24.21
C GLY A 103 -19.09 -3.07 -23.02
N LEU A 104 -18.82 -4.34 -23.33
CA LEU A 104 -18.33 -5.27 -22.32
C LEU A 104 -17.07 -4.72 -21.65
N HIS A 105 -16.97 -4.90 -20.34
CA HIS A 105 -15.78 -4.41 -19.66
C HIS A 105 -14.53 -5.07 -20.26
N PRO A 106 -13.36 -4.43 -20.12
CA PRO A 106 -12.13 -5.07 -20.61
C PRO A 106 -11.84 -6.40 -19.93
N PHE A 107 -12.15 -6.50 -18.65
CA PHE A 107 -11.80 -7.65 -17.83
C PHE A 107 -13.06 -8.17 -17.17
N PRO A 108 -13.01 -9.35 -16.57
CA PRO A 108 -14.19 -9.83 -15.83
C PRO A 108 -14.58 -8.79 -14.80
N TRP A 109 -15.90 -8.60 -14.66
CA TRP A 109 -16.49 -7.53 -13.84
C TRP A 109 -17.72 -8.11 -13.16
N ARG A 110 -17.78 -8.03 -11.83
CA ARG A 110 -18.85 -8.72 -11.12
C ARG A 110 -20.22 -8.24 -11.60
N GLY A 111 -20.40 -6.92 -11.70
CA GLY A 111 -21.68 -6.38 -12.13
C GLY A 111 -22.11 -6.82 -13.51
N GLU A 112 -21.20 -7.35 -14.31
CA GLU A 112 -21.52 -7.70 -15.68
C GLU A 112 -22.04 -9.13 -15.84
N SER A 113 -21.63 -10.05 -14.97
CA SER A 113 -22.06 -11.44 -15.11
C SER A 113 -21.86 -12.19 -13.80
N GLU A 114 -22.82 -13.04 -13.47
CA GLU A 114 -22.67 -13.96 -12.35
C GLU A 114 -21.51 -14.92 -12.55
N TYR A 115 -20.97 -15.02 -13.77
CA TYR A 115 -19.80 -15.85 -14.08
C TYR A 115 -18.49 -15.14 -13.78
N ASP A 116 -18.55 -13.86 -13.48
CA ASP A 116 -17.38 -13.05 -13.14
C ASP A 116 -17.37 -12.93 -11.63
N VAL A 117 -16.56 -13.79 -10.98
CA VAL A 117 -16.59 -13.91 -9.53
C VAL A 117 -15.89 -12.74 -8.88
N LEU A 118 -14.86 -12.18 -9.53
CA LEU A 118 -14.04 -11.11 -8.98
C LEU A 118 -13.67 -10.14 -10.09
N SER A 119 -13.91 -8.86 -9.87
CA SER A 119 -13.48 -7.89 -10.88
C SER A 119 -11.96 -7.78 -10.82
N VAL A 120 -11.31 -7.91 -11.97
CA VAL A 120 -9.85 -7.93 -12.04
C VAL A 120 -9.34 -6.89 -13.04
N GLY A 121 -8.05 -6.59 -12.94
CA GLY A 121 -7.37 -5.60 -13.75
C GLY A 121 -5.98 -5.47 -13.21
N HIS A 122 -5.87 -5.02 -11.97
CA HIS A 122 -4.65 -5.22 -11.22
C HIS A 122 -4.38 -6.72 -11.08
N SER A 123 -3.10 -7.08 -11.07
CA SER A 123 -2.72 -8.49 -11.12
C SER A 123 -2.60 -9.10 -9.72
N SER A 124 -2.60 -10.43 -9.68
CA SER A 124 -2.16 -11.23 -8.54
C SER A 124 -3.18 -11.30 -7.40
N THR A 125 -4.43 -10.94 -7.65
CA THR A 125 -5.44 -10.95 -6.60
C THR A 125 -6.19 -12.28 -6.54
N SER A 126 -5.98 -13.14 -7.53
CA SER A 126 -6.83 -14.31 -7.73
C SER A 126 -6.68 -15.31 -6.59
N ILE A 127 -5.43 -15.60 -6.20
CA ILE A 127 -5.22 -16.60 -5.15
C ILE A 127 -5.82 -16.12 -3.85
N SER A 128 -5.55 -14.86 -3.52
CA SER A 128 -6.00 -14.31 -2.24
C SER A 128 -7.52 -14.39 -2.12
N ALA A 129 -8.23 -13.91 -3.14
CA ALA A 129 -9.68 -14.02 -3.15
C ALA A 129 -10.12 -15.47 -3.17
N GLY A 130 -9.41 -16.30 -3.95
CA GLY A 130 -9.78 -17.70 -4.06
C GLY A 130 -9.72 -18.43 -2.73
N ILE A 131 -8.85 -17.98 -1.82
CA ILE A 131 -8.81 -18.62 -0.51
C ILE A 131 -10.04 -18.23 0.31
N GLY A 132 -10.41 -16.95 0.27
CA GLY A 132 -11.61 -16.51 0.97
C GLY A 132 -12.85 -17.18 0.44
N VAL A 133 -12.95 -17.33 -0.87
CA VAL A 133 -14.07 -18.05 -1.48
C VAL A 133 -14.05 -19.51 -1.07
N ALA A 134 -12.85 -20.10 -0.96
CA ALA A 134 -12.79 -21.52 -0.62
C ALA A 134 -13.16 -21.74 0.84
N ILE A 135 -12.70 -20.86 1.73
CA ILE A 135 -13.05 -20.99 3.14
C ILE A 135 -14.56 -20.88 3.32
N ALA A 136 -15.16 -19.88 2.67
CA ALA A 136 -16.61 -19.73 2.73
C ALA A 136 -17.32 -20.95 2.14
N ALA A 137 -16.80 -21.48 1.03
CA ALA A 137 -17.46 -22.63 0.43
C ALA A 137 -17.43 -23.84 1.36
N ALA A 138 -16.35 -24.00 2.13
CA ALA A 138 -16.31 -25.11 3.08
C ALA A 138 -17.35 -24.92 4.19
N LYS A 139 -17.41 -23.72 4.76
CA LYS A 139 -18.41 -23.46 5.80
C LYS A 139 -19.82 -23.50 5.22
N GLU A 140 -20.02 -23.06 3.97
CA GLU A 140 -21.32 -23.18 3.33
C GLU A 140 -21.81 -24.63 3.33
N ASP A 141 -20.89 -25.57 3.21
CA ASP A 141 -21.18 -27.01 3.31
C ASP A 141 -22.13 -27.48 2.22
N LYS A 142 -21.96 -26.95 1.01
CA LYS A 142 -22.79 -27.35 -0.13
C LYS A 142 -21.96 -27.84 -1.31
N GLN A 143 -20.69 -28.20 -1.09
CA GLN A 143 -19.85 -28.78 -2.14
C GLN A 143 -19.55 -27.79 -3.27
N ARG A 144 -19.55 -26.49 -2.98
CA ARG A 144 -19.06 -25.54 -3.98
C ARG A 144 -17.54 -25.67 -4.10
N ARG A 145 -17.05 -25.76 -5.33
CA ARG A 145 -15.62 -25.80 -5.62
C ARG A 145 -15.09 -24.39 -5.92
N ALA A 146 -13.77 -24.22 -5.76
CA ALA A 146 -13.12 -22.94 -6.05
C ALA A 146 -11.86 -23.19 -6.87
N VAL A 147 -11.62 -22.31 -7.83
CA VAL A 147 -10.47 -22.46 -8.71
C VAL A 147 -10.12 -21.10 -9.27
N CYS A 148 -8.82 -20.85 -9.42
CA CYS A 148 -8.35 -19.59 -9.97
C CYS A 148 -7.24 -19.87 -10.97
N VAL A 149 -7.02 -18.91 -11.86
CA VAL A 149 -5.98 -18.99 -12.88
C VAL A 149 -5.12 -17.75 -12.73
N ILE A 150 -3.84 -17.94 -12.44
CA ILE A 150 -2.88 -16.87 -12.29
C ILE A 150 -1.72 -17.11 -13.24
N GLY A 151 -1.23 -16.04 -13.88
CA GLY A 151 -0.14 -16.16 -14.83
C GLY A 151 1.21 -16.16 -14.15
N ASP A 152 2.22 -16.59 -14.90
CA ASP A 152 3.59 -16.62 -14.37
C ASP A 152 4.09 -15.24 -13.98
N GLY A 153 3.67 -14.19 -14.70
CA GLY A 153 4.02 -12.84 -14.28
C GLY A 153 3.35 -12.46 -12.98
N ALA A 154 2.02 -12.62 -12.89
CA ALA A 154 1.29 -12.18 -11.71
C ALA A 154 1.77 -12.89 -10.45
N ILE A 155 2.24 -14.13 -10.56
CA ILE A 155 2.58 -14.87 -9.34
C ILE A 155 3.88 -14.35 -8.73
N THR A 156 4.54 -13.38 -9.38
CA THR A 156 5.74 -12.77 -8.80
C THR A 156 5.44 -11.69 -7.75
N ALA A 157 4.18 -11.34 -7.52
CA ALA A 157 3.87 -10.27 -6.58
C ALA A 157 3.87 -10.78 -5.14
N GLY A 158 4.21 -9.89 -4.22
CA GLY A 158 4.18 -10.27 -2.80
C GLY A 158 2.83 -10.81 -2.39
N MET A 159 1.76 -10.14 -2.83
CA MET A 159 0.39 -10.60 -2.58
C MET A 159 0.23 -12.09 -2.79
N ALA A 160 0.68 -12.57 -3.94
CA ALA A 160 0.48 -13.97 -4.28
C ALA A 160 1.26 -14.88 -3.33
N PHE A 161 2.46 -14.44 -2.90
CA PHE A 161 3.23 -15.27 -1.97
C PHE A 161 2.54 -15.35 -0.62
N GLU A 162 1.98 -14.23 -0.16
CA GLU A 162 1.29 -14.20 1.13
C GLU A 162 0.09 -15.15 1.09
N ALA A 163 -0.62 -15.16 -0.03
CA ALA A 163 -1.78 -16.04 -0.16
C ALA A 163 -1.34 -17.50 -0.14
N MET A 164 -0.34 -17.83 -0.95
CA MET A 164 0.17 -19.20 -0.94
C MET A 164 0.70 -19.60 0.43
N ASN A 165 1.35 -18.67 1.14
CA ASN A 165 1.86 -19.01 2.45
C ASN A 165 0.72 -19.26 3.42
N HIS A 166 -0.35 -18.48 3.30
CA HIS A 166 -1.53 -18.67 4.12
C HIS A 166 -2.21 -19.99 3.78
N ALA A 167 -2.44 -20.23 2.49
CA ALA A 167 -3.17 -21.43 2.07
C ALA A 167 -2.43 -22.69 2.46
N GLY A 168 -1.11 -22.69 2.33
CA GLY A 168 -0.32 -23.84 2.73
C GLY A 168 -0.43 -24.14 4.20
N ASP A 169 -0.71 -23.13 5.01
CA ASP A 169 -0.91 -23.34 6.44
C ASP A 169 -2.35 -23.75 6.74
N ILE A 170 -3.30 -23.02 6.17
CA ILE A 170 -4.71 -23.16 6.52
C ILE A 170 -5.39 -24.23 5.71
N LYS A 171 -4.87 -24.56 4.53
CA LYS A 171 -5.27 -25.69 3.71
C LYS A 171 -6.69 -25.53 3.18
N PRO A 172 -7.02 -24.44 2.49
CA PRO A 172 -8.32 -24.35 1.82
C PRO A 172 -8.43 -25.37 0.69
N ASP A 173 -9.68 -25.66 0.31
CA ASP A 173 -9.95 -26.53 -0.85
C ASP A 173 -9.95 -25.66 -2.10
N LEU A 174 -8.76 -25.37 -2.60
CA LEU A 174 -8.64 -24.46 -3.74
C LEU A 174 -7.68 -25.04 -4.77
N LEU A 175 -8.05 -24.95 -6.03
CA LEU A 175 -7.15 -25.22 -7.14
C LEU A 175 -6.58 -23.91 -7.69
N VAL A 176 -5.25 -23.80 -7.69
CA VAL A 176 -4.55 -22.70 -8.37
C VAL A 176 -3.98 -23.26 -9.66
N VAL A 177 -4.42 -22.70 -10.79
CA VAL A 177 -3.88 -23.07 -12.09
C VAL A 177 -2.86 -22.00 -12.47
N LEU A 178 -1.59 -22.39 -12.46
CA LEU A 178 -0.50 -21.54 -12.93
C LEU A 178 -0.48 -21.61 -14.45
N ASN A 179 -0.83 -20.49 -15.10
CA ASN A 179 -0.86 -20.40 -16.56
C ASN A 179 0.49 -19.87 -17.04
N ASP A 180 1.45 -20.77 -17.17
CA ASP A 180 2.85 -20.42 -17.42
C ASP A 180 3.09 -20.30 -18.92
N ASN A 181 3.31 -19.08 -19.41
CA ASN A 181 3.68 -18.87 -20.80
C ASN A 181 5.06 -18.24 -20.97
N GLU A 182 5.88 -18.23 -19.93
CA GLU A 182 7.31 -17.93 -19.92
C GLU A 182 7.62 -16.44 -19.83
N MET A 183 6.61 -15.56 -19.98
CA MET A 183 6.80 -14.12 -19.89
C MET A 183 5.45 -13.47 -19.57
N SER A 184 5.50 -12.35 -18.83
CA SER A 184 4.30 -11.59 -18.44
C SER A 184 3.80 -10.75 -19.60
N ILE A 185 4.04 -9.44 -19.53
CA ILE A 185 4.01 -8.61 -20.74
C ILE A 185 5.33 -8.74 -21.50
N SER A 186 6.44 -8.39 -20.87
CA SER A 186 7.77 -8.72 -21.37
C SER A 186 8.26 -9.99 -20.66
N GLU A 187 9.43 -10.49 -21.06
CA GLU A 187 9.94 -11.72 -20.48
C GLU A 187 10.03 -11.59 -18.96
N ASN A 188 9.36 -12.51 -18.25
CA ASN A 188 9.39 -12.53 -16.80
C ASN A 188 10.82 -12.70 -16.29
N VAL A 189 11.24 -11.81 -15.40
CA VAL A 189 12.63 -11.72 -14.94
C VAL A 189 12.63 -11.89 -13.44
N GLY A 190 12.96 -13.08 -12.97
CA GLY A 190 13.05 -13.35 -11.54
C GLY A 190 13.45 -14.78 -11.31
N ALA A 191 13.87 -15.06 -10.07
CA ALA A 191 14.28 -16.41 -9.69
C ALA A 191 13.20 -17.45 -10.03
N LEU A 192 11.95 -17.03 -10.16
CA LEU A 192 10.85 -17.87 -10.64
C LEU A 192 10.70 -19.17 -9.86
N GLY A 204 13.46 -29.11 -9.71
CA GLY A 204 12.03 -29.30 -9.55
C GLY A 204 11.21 -28.03 -9.73
N PRO A 205 10.56 -27.90 -10.90
CA PRO A 205 9.70 -26.72 -11.13
C PRO A 205 8.60 -26.55 -10.09
N GLY A 206 8.27 -27.58 -9.33
CA GLY A 206 7.24 -27.45 -8.30
C GLY A 206 7.75 -27.14 -6.90
N THR A 207 9.07 -27.09 -6.71
CA THR A 207 9.63 -27.13 -5.36
C THR A 207 9.11 -26.00 -4.48
N LEU A 208 9.04 -24.79 -5.02
CA LEU A 208 8.53 -23.66 -4.24
C LEU A 208 7.11 -23.92 -3.75
N PHE A 209 6.26 -24.40 -4.64
CA PHE A 209 4.85 -24.54 -4.31
C PHE A 209 4.63 -25.70 -3.34
N GLU A 210 5.39 -26.78 -3.50
CA GLU A 210 5.31 -27.86 -2.52
C GLU A 210 5.75 -27.37 -1.16
N GLU A 211 6.89 -26.68 -1.10
CA GLU A 211 7.38 -26.17 0.18
C GLU A 211 6.37 -25.23 0.82
N LEU A 212 5.63 -24.47 0.02
CA LEU A 212 4.56 -23.63 0.54
C LEU A 212 3.28 -24.41 0.85
N GLY A 213 3.29 -25.75 0.74
CA GLY A 213 2.20 -26.57 1.22
C GLY A 213 1.19 -27.00 0.19
N PHE A 214 1.47 -26.88 -1.09
CA PHE A 214 0.52 -27.22 -2.14
C PHE A 214 0.82 -28.61 -2.68
N ASN A 215 -0.22 -29.28 -3.16
CA ASN A 215 -0.05 -30.50 -3.93
C ASN A 215 0.13 -30.09 -5.39
N TYR A 216 1.33 -30.29 -5.90
CA TYR A 216 1.75 -29.75 -7.18
C TYR A 216 1.67 -30.82 -8.27
N ILE A 217 1.12 -30.45 -9.41
CA ILE A 217 0.99 -31.37 -10.54
C ILE A 217 1.43 -30.64 -11.80
N GLY A 218 2.26 -31.31 -12.60
CA GLY A 218 2.69 -30.76 -13.86
C GLY A 218 4.20 -30.60 -13.97
N PRO A 219 4.63 -29.78 -14.92
CA PRO A 219 3.79 -28.97 -15.82
C PRO A 219 3.17 -29.83 -16.92
N VAL A 220 1.96 -29.50 -17.36
CA VAL A 220 1.28 -30.26 -18.40
C VAL A 220 1.08 -29.37 -19.62
N ASP A 221 0.65 -29.99 -20.71
CA ASP A 221 0.40 -29.29 -21.97
C ASP A 221 -0.90 -28.49 -21.89
N GLY A 222 -0.79 -27.18 -21.76
CA GLY A 222 -1.94 -26.32 -21.60
C GLY A 222 -2.80 -26.14 -22.83
N HIS A 223 -2.42 -26.76 -23.96
CA HIS A 223 -3.21 -26.70 -25.17
C HIS A 223 -3.75 -28.06 -25.57
N ASP A 224 -3.86 -28.98 -24.62
CA ASP A 224 -4.38 -30.33 -24.79
C ASP A 224 -5.68 -30.40 -23.99
N VAL A 225 -6.78 -30.00 -24.64
CA VAL A 225 -8.04 -29.81 -23.93
C VAL A 225 -8.49 -31.11 -23.24
N LEU A 226 -8.33 -32.25 -23.91
CA LEU A 226 -8.77 -33.50 -23.28
C LEU A 226 -7.89 -33.87 -22.09
N GLY A 227 -6.60 -33.60 -22.18
CA GLY A 227 -5.72 -33.85 -21.03
C GLY A 227 -6.07 -32.96 -19.85
N LEU A 228 -6.30 -31.67 -20.12
CA LEU A 228 -6.68 -30.76 -19.04
C LEU A 228 -8.02 -31.17 -18.43
N VAL A 229 -8.98 -31.55 -19.27
CA VAL A 229 -10.27 -32.00 -18.77
C VAL A 229 -10.09 -33.12 -17.75
N SER A 230 -9.42 -34.19 -18.17
CA SER A 230 -9.21 -35.32 -17.27
C SER A 230 -8.42 -34.90 -16.04
N THR A 231 -7.36 -34.09 -16.22
CA THR A 231 -6.57 -33.64 -15.09
C THR A 231 -7.41 -32.81 -14.13
N LEU A 232 -8.15 -31.83 -14.66
CA LEU A 232 -8.94 -30.96 -13.81
C LEU A 232 -10.08 -31.71 -13.12
N LYS A 233 -10.69 -32.67 -13.81
CA LYS A 233 -11.69 -33.50 -13.14
C LYS A 233 -11.10 -34.14 -11.89
N ASN A 234 -9.89 -34.70 -11.99
CA ASN A 234 -9.26 -35.31 -10.83
C ASN A 234 -9.00 -34.28 -9.73
N MET A 235 -8.31 -33.18 -10.07
CA MET A 235 -7.86 -32.26 -9.05
C MET A 235 -9.03 -31.48 -8.43
N ARG A 236 -10.10 -31.24 -9.18
CA ARG A 236 -11.28 -30.61 -8.59
C ARG A 236 -11.83 -31.43 -7.42
N ASP A 237 -11.61 -32.74 -7.44
CA ASP A 237 -12.16 -33.56 -6.38
C ASP A 237 -11.17 -33.85 -5.27
N LEU A 238 -9.95 -33.34 -5.36
CA LEU A 238 -8.98 -33.47 -4.28
C LEU A 238 -9.22 -32.40 -3.22
N LYS A 239 -8.87 -32.72 -1.98
CA LYS A 239 -9.02 -31.78 -0.88
C LYS A 239 -7.77 -30.93 -0.75
N GLY A 240 -7.93 -29.76 -0.13
CA GLY A 240 -6.81 -28.93 0.24
C GLY A 240 -6.21 -28.21 -0.94
N PRO A 241 -5.11 -27.49 -0.71
CA PRO A 241 -4.53 -26.62 -1.77
C PRO A 241 -3.91 -27.45 -2.88
N GLN A 242 -4.41 -27.23 -4.09
CA GLN A 242 -3.98 -27.93 -5.29
C GLN A 242 -3.36 -26.93 -6.26
N PHE A 243 -2.27 -27.35 -6.91
CA PHE A 243 -1.53 -26.47 -7.83
C PHE A 243 -1.30 -27.23 -9.12
N LEU A 244 -1.92 -26.75 -10.19
CA LEU A 244 -1.75 -27.32 -11.53
C LEU A 244 -0.92 -26.34 -12.35
N HIS A 245 0.26 -26.79 -12.76
CA HIS A 245 1.20 -26.00 -13.56
C HIS A 245 0.99 -26.36 -15.03
N ILE A 246 0.51 -25.41 -15.83
CA ILE A 246 0.30 -25.66 -17.24
C ILE A 246 1.21 -24.73 -18.04
N MET A 247 1.55 -25.17 -19.25
CA MET A 247 2.37 -24.38 -20.19
C MET A 247 1.51 -24.06 -21.41
N THR A 248 1.53 -22.79 -21.81
CA THR A 248 0.78 -22.31 -22.96
C THR A 248 1.67 -21.39 -23.77
N LYS A 249 1.37 -21.26 -25.06
CA LYS A 249 2.03 -20.32 -25.94
C LYS A 249 1.21 -19.04 -26.01
N LYS A 250 1.86 -17.90 -25.83
CA LYS A 250 1.17 -16.63 -26.03
C LYS A 250 0.88 -16.44 -27.52
N GLY A 251 -0.38 -16.14 -27.83
CA GLY A 251 -0.79 -16.02 -29.22
C GLY A 251 -1.04 -17.33 -29.93
N ARG A 252 -1.17 -18.43 -29.20
CA ARG A 252 -1.44 -19.74 -29.79
C ARG A 252 -2.55 -19.68 -30.83
N GLY A 253 -2.20 -19.87 -32.10
CA GLY A 253 -3.16 -19.76 -33.19
C GLY A 253 -2.74 -18.78 -34.26
N TYR A 254 -2.21 -17.62 -33.85
CA TYR A 254 -1.73 -16.58 -34.75
C TYR A 254 -0.20 -16.51 -34.63
N GLU A 255 0.49 -16.83 -35.72
CA GLU A 255 1.95 -16.85 -35.69
C GLU A 255 2.57 -15.57 -35.13
N PRO A 256 2.19 -14.38 -35.59
CA PRO A 256 2.70 -13.16 -34.94
C PRO A 256 2.20 -13.03 -33.50
N GLY A 283 2.66 10.49 -35.31
CA GLY A 283 2.09 11.55 -34.49
C GLY A 283 3.10 12.21 -33.56
N LEU A 284 2.59 13.06 -32.66
CA LEU A 284 3.43 13.67 -31.64
C LEU A 284 3.97 12.59 -30.71
N PRO A 285 5.01 12.90 -29.92
CA PRO A 285 5.58 11.90 -29.02
C PRO A 285 4.82 11.83 -27.72
N SER A 286 4.58 10.60 -27.27
CA SER A 286 3.87 10.40 -26.01
C SER A 286 4.75 10.83 -24.85
N TYR A 287 4.11 11.00 -23.68
CA TYR A 287 4.89 11.31 -22.49
C TYR A 287 5.80 10.15 -22.10
N SER A 288 5.39 8.92 -22.41
CA SER A 288 6.24 7.77 -22.13
C SER A 288 7.54 7.86 -22.90
N LYS A 289 7.44 8.16 -24.20
CA LYS A 289 8.61 8.35 -25.03
C LYS A 289 9.45 9.52 -24.54
N ILE A 290 8.78 10.64 -24.21
CA ILE A 290 9.50 11.80 -23.68
C ILE A 290 10.34 11.38 -22.47
N PHE A 291 9.74 10.65 -21.53
CA PHE A 291 10.47 10.21 -20.34
C PHE A 291 11.60 9.26 -20.71
N GLY A 292 11.31 8.30 -21.59
CA GLY A 292 12.37 7.39 -22.02
C GLY A 292 13.50 8.11 -22.70
N ASP A 293 13.17 9.07 -23.56
CA ASP A 293 14.21 9.88 -24.17
C ASP A 293 15.01 10.63 -23.12
N TRP A 294 14.33 11.22 -22.12
CA TRP A 294 15.08 11.90 -21.06
C TRP A 294 16.00 10.93 -20.32
N LEU A 295 15.50 9.73 -20.02
CA LEU A 295 16.29 8.70 -19.34
C LEU A 295 17.58 8.40 -20.09
N CYS A 296 17.47 8.04 -21.36
CA CYS A 296 18.65 7.73 -22.15
C CYS A 296 19.59 8.91 -22.18
N GLU A 297 19.04 10.11 -22.36
CA GLU A 297 19.86 11.30 -22.50
C GLU A 297 20.62 11.59 -21.21
N THR A 298 19.97 11.42 -20.05
CA THR A 298 20.65 11.66 -18.78
C THR A 298 21.70 10.58 -18.48
N ALA A 299 21.32 9.32 -18.67
CA ALA A 299 22.22 8.21 -18.40
C ALA A 299 23.45 8.28 -19.29
N ALA A 300 23.32 8.85 -20.50
CA ALA A 300 24.46 8.92 -21.40
C ALA A 300 25.67 9.55 -20.75
N LYS A 301 25.46 10.59 -19.93
CA LYS A 301 26.55 11.33 -19.32
C LYS A 301 26.59 11.23 -17.82
N ASP A 302 25.70 10.49 -17.19
CA ASP A 302 25.66 10.42 -15.74
C ASP A 302 25.54 8.94 -15.36
N ASN A 303 26.66 8.30 -14.97
CA ASN A 303 26.63 6.88 -14.60
C ASN A 303 25.89 6.61 -13.30
N LYS A 304 25.48 7.64 -12.56
CA LYS A 304 24.77 7.42 -11.31
C LYS A 304 23.29 7.09 -11.50
N LEU A 305 22.73 7.29 -12.70
CA LEU A 305 21.30 7.09 -12.91
C LEU A 305 20.96 5.60 -13.02
N MET A 306 19.99 5.17 -12.21
CA MET A 306 19.43 3.83 -12.24
C MET A 306 17.93 3.93 -12.48
N ALA A 307 17.40 3.15 -13.43
CA ALA A 307 15.98 3.17 -13.77
C ALA A 307 15.33 1.84 -13.43
N ILE A 308 14.18 1.91 -12.76
CA ILE A 308 13.45 0.76 -12.23
C ILE A 308 12.03 0.75 -12.78
N THR A 309 11.55 -0.45 -13.17
CA THR A 309 10.16 -0.69 -13.57
C THR A 309 9.64 -1.98 -12.96
N PRO A 310 8.43 -1.99 -12.40
CA PRO A 310 7.77 -3.27 -12.07
C PRO A 310 7.06 -3.87 -13.28
N ALA A 311 7.86 -4.47 -14.15
CA ALA A 311 7.37 -5.26 -15.28
C ALA A 311 6.56 -4.43 -16.29
N MET A 312 6.84 -3.15 -16.43
CA MET A 312 6.10 -2.31 -17.40
C MET A 312 7.08 -1.57 -18.32
N ARG A 313 8.07 -2.31 -18.84
CA ARG A 313 9.11 -1.70 -19.68
C ARG A 313 8.51 -0.96 -20.88
N GLU A 314 7.68 -1.65 -21.66
CA GLU A 314 7.08 -1.08 -22.86
C GLU A 314 6.17 0.09 -22.53
N GLY A 315 5.23 -0.12 -21.61
CA GLY A 315 4.29 0.93 -21.29
C GLY A 315 4.98 2.21 -20.88
N SER A 316 5.97 2.11 -20.01
CA SER A 316 6.61 3.28 -19.45
C SER A 316 7.65 3.91 -20.39
N GLY A 317 7.89 3.32 -21.57
CA GLY A 317 8.77 3.89 -22.56
C GLY A 317 10.25 3.59 -22.39
N MET A 318 10.61 2.48 -21.74
CA MET A 318 12.00 2.22 -21.35
C MET A 318 12.64 1.12 -22.17
N VAL A 319 12.09 0.81 -23.34
CA VAL A 319 12.65 -0.26 -24.16
C VAL A 319 14.05 0.13 -24.65
N GLU A 320 14.15 1.29 -25.31
CA GLU A 320 15.44 1.74 -25.79
C GLU A 320 16.41 1.93 -24.64
N PHE A 321 15.97 2.55 -23.54
CA PHE A 321 16.82 2.63 -22.37
C PHE A 321 17.38 1.28 -21.99
N SER A 322 16.51 0.26 -21.95
CA SER A 322 16.93 -1.06 -21.49
C SER A 322 17.95 -1.68 -22.43
N LYS A 323 17.86 -1.39 -23.73
CA LYS A 323 18.87 -1.88 -24.65
C LYS A 323 20.18 -1.09 -24.52
N LYS A 324 20.09 0.19 -24.18
CA LYS A 324 21.28 1.07 -24.21
C LYS A 324 22.06 1.06 -22.91
N PHE A 325 21.42 0.84 -21.76
CA PHE A 325 22.08 0.88 -20.46
C PHE A 325 21.64 -0.33 -19.65
N PRO A 326 21.84 -1.54 -20.19
CA PRO A 326 21.29 -2.74 -19.53
C PRO A 326 21.75 -2.92 -18.10
N ASP A 327 22.97 -2.50 -17.74
CA ASP A 327 23.40 -2.73 -16.36
C ASP A 327 22.82 -1.73 -15.39
N ARG A 328 22.12 -0.71 -15.86
CA ARG A 328 21.45 0.22 -14.96
C ARG A 328 19.94 0.23 -15.17
N TYR A 329 19.41 -0.81 -15.83
CA TYR A 329 17.96 -1.00 -15.99
C TYR A 329 17.54 -2.18 -15.13
N PHE A 330 16.47 -2.01 -14.35
CA PHE A 330 16.07 -3.00 -13.34
C PHE A 330 14.58 -3.28 -13.44
N ASP A 331 14.24 -4.43 -13.99
CA ASP A 331 12.87 -4.92 -14.04
C ASP A 331 12.69 -5.90 -12.89
N VAL A 332 11.93 -5.50 -11.87
CA VAL A 332 11.83 -6.29 -10.65
C VAL A 332 10.63 -7.21 -10.69
N ALA A 333 10.06 -7.41 -11.88
CA ALA A 333 8.83 -8.19 -12.02
C ALA A 333 7.64 -7.41 -11.45
N ILE A 334 6.50 -8.09 -11.29
CA ILE A 334 5.31 -7.37 -10.84
C ILE A 334 5.33 -7.19 -9.33
N ALA A 335 6.19 -6.30 -8.85
CA ALA A 335 6.50 -6.13 -7.43
C ALA A 335 6.70 -4.64 -7.14
N GLU A 336 5.61 -3.87 -7.18
CA GLU A 336 5.70 -2.43 -6.97
C GLU A 336 6.34 -2.11 -5.62
N GLN A 337 6.01 -2.90 -4.59
CA GLN A 337 6.58 -2.68 -3.26
C GLN A 337 8.10 -2.74 -3.28
N HIS A 338 8.65 -3.86 -3.73
CA HIS A 338 10.10 -3.99 -3.77
C HIS A 338 10.72 -2.93 -4.66
N ALA A 339 10.02 -2.56 -5.74
CA ALA A 339 10.52 -1.52 -6.65
C ALA A 339 10.93 -0.27 -5.89
N VAL A 340 10.04 0.22 -5.02
CA VAL A 340 10.30 1.48 -4.33
C VAL A 340 11.40 1.32 -3.29
N THR A 341 11.37 0.21 -2.54
CA THR A 341 12.30 0.04 -1.43
C THR A 341 13.70 -0.32 -1.93
N PHE A 342 13.79 -1.00 -3.06
CA PHE A 342 15.06 -1.20 -3.76
C PHE A 342 15.68 0.15 -4.15
N ALA A 343 14.85 1.03 -4.71
CA ALA A 343 15.30 2.38 -5.07
C ALA A 343 15.83 3.12 -3.85
N ALA A 344 15.14 3.01 -2.72
CA ALA A 344 15.67 3.56 -1.47
C ALA A 344 17.08 3.05 -1.20
N GLY A 345 17.28 1.73 -1.33
CA GLY A 345 18.62 1.18 -1.12
C GLY A 345 19.65 1.76 -2.08
N LEU A 346 19.28 1.89 -3.36
CA LEU A 346 20.19 2.49 -4.32
C LEU A 346 20.53 3.92 -3.93
N ALA A 347 19.58 4.65 -3.34
CA ALA A 347 19.81 6.03 -2.97
C ALA A 347 20.64 6.13 -1.70
N ILE A 348 20.44 5.18 -0.78
CA ILE A 348 21.33 5.09 0.37
C ILE A 348 22.75 4.84 -0.11
N GLY A 349 22.89 4.09 -1.19
CA GLY A 349 24.20 3.85 -1.77
C GLY A 349 24.70 4.96 -2.67
N ASP A 350 24.14 6.17 -2.54
CA ASP A 350 24.52 7.34 -3.31
C ASP A 350 24.40 7.13 -4.81
N TYR A 351 23.56 6.24 -5.27
CA TYR A 351 23.16 6.27 -6.66
C TYR A 351 21.83 7.02 -6.78
N LYS A 352 21.40 7.25 -8.02
CA LYS A 352 20.30 8.18 -8.29
C LYS A 352 19.17 7.42 -8.97
N PRO A 353 18.27 6.80 -8.20
CA PRO A 353 17.25 5.91 -8.77
C PRO A 353 16.03 6.66 -9.28
N VAL A 354 15.50 6.18 -10.40
CA VAL A 354 14.25 6.66 -10.98
C VAL A 354 13.28 5.48 -11.02
N VAL A 355 12.13 5.62 -10.38
CA VAL A 355 11.11 4.59 -10.37
C VAL A 355 10.02 4.99 -11.35
N ALA A 356 9.93 4.28 -12.47
CA ALA A 356 8.83 4.42 -13.40
C ALA A 356 7.67 3.51 -12.97
N ILE A 357 6.50 4.10 -12.72
CA ILE A 357 5.39 3.34 -12.17
C ILE A 357 4.10 4.08 -12.52
N TYR A 358 3.06 3.33 -12.94
CA TYR A 358 1.76 3.92 -13.21
C TYR A 358 1.11 4.40 -11.92
N SER A 359 0.34 5.48 -12.04
CA SER A 359 -0.40 5.99 -10.89
C SER A 359 -1.24 4.88 -10.26
N THR A 360 -1.96 4.12 -11.08
CA THR A 360 -2.84 3.10 -10.52
C THR A 360 -2.02 2.03 -9.80
N PHE A 361 -0.87 1.62 -10.37
CA PHE A 361 -0.08 0.61 -9.70
C PHE A 361 0.70 1.18 -8.53
N LEU A 362 0.98 2.48 -8.55
CA LEU A 362 1.64 3.14 -7.42
C LEU A 362 0.85 2.99 -6.13
N GLN A 363 -0.48 2.80 -6.22
CA GLN A 363 -1.31 2.52 -5.05
C GLN A 363 -0.78 1.33 -4.24
N ARG A 364 -0.25 0.32 -4.92
CA ARG A 364 0.21 -0.89 -4.23
C ARG A 364 1.54 -0.70 -3.52
N ALA A 365 2.26 0.39 -3.80
CA ALA A 365 3.55 0.66 -3.16
C ALA A 365 3.46 1.79 -2.15
N TYR A 366 2.25 2.17 -1.75
CA TYR A 366 2.04 3.39 -0.97
C TYR A 366 2.88 3.39 0.30
N ASP A 367 2.94 2.23 0.98
CA ASP A 367 3.66 2.16 2.26
C ASP A 367 5.17 2.31 2.07
N GLN A 368 5.69 1.83 0.95
CA GLN A 368 7.11 2.01 0.67
C GLN A 368 7.43 3.48 0.39
N VAL A 369 6.54 4.16 -0.34
CA VAL A 369 6.71 5.60 -0.57
C VAL A 369 6.78 6.34 0.77
N ILE A 370 5.77 6.11 1.61
CA ILE A 370 5.71 6.81 2.89
C ILE A 370 6.93 6.49 3.74
N HIS A 371 7.08 5.21 4.08
CA HIS A 371 7.95 4.72 5.15
C HIS A 371 9.38 4.52 4.69
N ASP A 372 9.61 4.11 3.44
CA ASP A 372 10.97 3.79 3.00
C ASP A 372 11.59 4.87 2.12
N VAL A 373 10.81 5.88 1.70
CA VAL A 373 11.37 6.99 0.95
C VAL A 373 11.12 8.31 1.69
N ALA A 374 9.84 8.62 1.97
CA ALA A 374 9.54 9.95 2.51
C ALA A 374 10.02 10.10 3.95
N ILE A 375 9.76 9.11 4.81
CA ILE A 375 10.28 9.17 6.17
C ILE A 375 11.81 9.18 6.19
N GLN A 376 12.43 8.55 5.18
CA GLN A 376 13.89 8.51 5.10
C GLN A 376 14.49 9.80 4.54
N LYS A 377 13.66 10.69 4.00
CA LYS A 377 14.18 11.85 3.27
C LYS A 377 15.09 11.39 2.14
N LEU A 378 14.73 10.30 1.50
CA LEU A 378 15.65 9.89 0.46
C LEU A 378 15.21 10.43 -0.89
N PRO A 379 16.19 10.83 -1.73
CA PRO A 379 15.84 11.49 -3.01
C PRO A 379 15.62 10.49 -4.15
N VAL A 380 14.48 9.82 -4.10
CA VAL A 380 14.04 8.96 -5.19
C VAL A 380 13.15 9.78 -6.11
N LEU A 381 13.34 9.63 -7.42
CA LEU A 381 12.48 10.25 -8.41
C LEU A 381 11.42 9.25 -8.88
N PHE A 382 10.14 9.67 -8.82
CA PHE A 382 9.02 8.84 -9.29
C PHE A 382 8.50 9.41 -10.60
N ALA A 383 8.56 8.61 -11.65
CA ALA A 383 8.02 8.98 -12.96
C ALA A 383 6.69 8.23 -13.13
N ILE A 384 5.58 8.96 -12.98
CA ILE A 384 4.26 8.36 -12.78
C ILE A 384 3.50 8.49 -14.10
N ASP A 385 3.38 7.38 -14.83
CA ASP A 385 2.68 7.34 -16.10
C ASP A 385 1.18 7.02 -15.88
N ARG A 386 0.40 7.09 -16.97
CA ARG A 386 -1.05 6.90 -16.93
C ARG A 386 -1.69 7.66 -15.77
N ALA A 387 -1.22 8.88 -15.53
CA ALA A 387 -1.87 9.77 -14.59
C ALA A 387 -3.18 10.26 -15.21
N GLY A 388 -4.19 10.44 -14.37
CA GLY A 388 -5.49 10.87 -14.87
C GLY A 388 -6.26 9.75 -15.55
N ILE A 389 -6.99 10.10 -16.60
CA ILE A 389 -7.88 9.15 -17.26
C ILE A 389 -7.08 8.31 -18.24
N VAL A 390 -7.23 6.97 -18.16
CA VAL A 390 -6.43 6.10 -19.02
C VAL A 390 -7.17 5.60 -20.25
N GLY A 391 -8.50 5.75 -20.30
CA GLY A 391 -9.22 5.30 -21.47
C GLY A 391 -9.82 3.90 -21.36
N ALA A 392 -9.45 3.02 -22.30
CA ALA A 392 -10.21 1.79 -22.51
C ALA A 392 -10.06 0.80 -21.35
N ASP A 393 -8.93 0.83 -20.62
CA ASP A 393 -8.78 -0.11 -19.53
C ASP A 393 -9.77 0.14 -18.39
N GLY A 394 -10.42 1.30 -18.34
CA GLY A 394 -11.50 1.44 -17.40
C GLY A 394 -11.10 1.54 -15.93
N GLN A 395 -12.10 1.23 -15.08
CA GLN A 395 -12.03 1.53 -13.65
C GLN A 395 -10.75 1.02 -12.99
N THR A 396 -10.40 -0.26 -13.22
CA THR A 396 -9.31 -0.84 -12.46
C THR A 396 -7.98 -0.15 -12.73
N HIS A 397 -7.82 0.57 -13.85
CA HIS A 397 -6.51 1.11 -14.23
C HIS A 397 -6.39 2.63 -14.16
N GLN A 398 -7.40 3.36 -13.66
CA GLN A 398 -7.36 4.82 -13.73
C GLN A 398 -6.26 5.41 -12.85
N GLY A 399 -5.60 6.47 -13.34
CA GLY A 399 -4.63 7.21 -12.54
C GLY A 399 -5.30 8.30 -11.74
N ALA A 400 -6.24 7.94 -10.87
CA ALA A 400 -7.25 8.87 -10.39
C ALA A 400 -6.92 9.50 -9.03
N PHE A 401 -5.94 8.98 -8.31
CA PHE A 401 -5.80 9.36 -6.90
C PHE A 401 -4.42 9.83 -6.47
N ASP A 402 -3.41 9.80 -7.33
CA ASP A 402 -2.05 10.00 -6.82
C ASP A 402 -1.85 11.39 -6.25
N LEU A 403 -2.51 12.41 -6.81
CA LEU A 403 -2.37 13.75 -6.26
C LEU A 403 -2.93 13.81 -4.85
N SER A 404 -3.99 13.04 -4.59
CA SER A 404 -4.61 13.00 -3.28
C SER A 404 -3.76 12.19 -2.30
N PHE A 405 -3.45 10.93 -2.62
CA PHE A 405 -2.72 10.17 -1.61
C PHE A 405 -1.23 10.56 -1.49
N LEU A 406 -0.61 11.18 -2.50
CA LEU A 406 0.76 11.66 -2.32
C LEU A 406 0.81 12.93 -1.47
N ARG A 407 -0.16 13.81 -1.67
CA ARG A 407 -0.11 15.17 -1.13
C ARG A 407 -0.23 15.19 0.40
N CYS A 408 -0.91 14.22 1.02
CA CYS A 408 -1.00 14.27 2.47
C CYS A 408 0.28 13.80 3.16
N ILE A 409 1.25 13.28 2.42
CA ILE A 409 2.47 12.70 3.00
C ILE A 409 3.50 13.83 3.18
N PRO A 410 3.99 14.08 4.39
CA PRO A 410 5.04 15.08 4.57
C PRO A 410 6.28 14.78 3.75
N ASP A 411 6.96 15.86 3.35
CA ASP A 411 8.28 15.79 2.72
C ASP A 411 8.23 15.09 1.37
N MET A 412 7.12 15.28 0.65
CA MET A 412 7.00 14.85 -0.74
C MET A 412 6.83 16.08 -1.62
N VAL A 413 7.54 16.10 -2.74
CA VAL A 413 7.35 17.11 -3.78
C VAL A 413 6.55 16.44 -4.90
N VAL A 414 5.49 17.09 -5.35
CA VAL A 414 4.58 16.51 -6.33
C VAL A 414 4.45 17.51 -7.48
N MET A 415 4.81 17.10 -8.69
CA MET A 415 4.81 17.99 -9.84
C MET A 415 3.90 17.45 -10.94
N THR A 416 3.14 18.37 -11.56
CA THR A 416 2.18 18.07 -12.61
C THR A 416 2.53 18.87 -13.86
N PRO A 417 3.34 18.32 -14.76
CA PRO A 417 3.67 19.06 -16.00
C PRO A 417 2.44 19.37 -16.83
N SER A 418 2.46 20.51 -17.53
CA SER A 418 1.36 20.82 -18.44
C SER A 418 1.68 20.47 -19.89
N ASP A 419 2.94 20.18 -20.21
CA ASP A 419 3.32 19.81 -21.57
C ASP A 419 4.63 19.03 -21.51
N GLU A 420 5.12 18.62 -22.69
CA GLU A 420 6.29 17.74 -22.73
C GLU A 420 7.57 18.47 -22.30
N ASN A 421 7.70 19.76 -22.63
CA ASN A 421 8.84 20.53 -22.17
C ASN A 421 8.86 20.59 -20.64
N GLU A 422 7.76 21.08 -20.06
CA GLU A 422 7.62 21.11 -18.62
C GLU A 422 7.90 19.74 -18.00
N CYS A 423 7.57 18.66 -18.71
CA CYS A 423 7.80 17.33 -18.17
C CYS A 423 9.30 17.03 -18.09
N ARG A 424 10.04 17.38 -19.14
CA ARG A 424 11.50 17.26 -19.08
C ARG A 424 12.07 18.16 -17.98
N GLN A 425 11.66 19.43 -17.96
CA GLN A 425 12.15 20.34 -16.93
C GLN A 425 11.90 19.79 -15.53
N MET A 426 10.72 19.17 -15.32
CA MET A 426 10.40 18.68 -13.98
C MET A 426 11.12 17.38 -13.64
N LEU A 427 11.35 16.50 -14.61
CA LEU A 427 12.16 15.32 -14.32
C LEU A 427 13.58 15.71 -13.95
N TYR A 428 14.15 16.65 -14.69
CA TYR A 428 15.45 17.23 -14.35
C TYR A 428 15.43 17.81 -12.94
N THR A 429 14.40 18.60 -12.64
CA THR A 429 14.32 19.24 -11.33
C THR A 429 14.35 18.19 -10.22
N GLY A 430 13.51 17.16 -10.33
CA GLY A 430 13.47 16.14 -9.31
C GLY A 430 14.75 15.32 -9.25
N TYR A 431 15.29 14.97 -10.42
CA TYR A 431 16.51 14.18 -10.45
C TYR A 431 17.62 14.84 -9.63
N HIS A 432 17.74 16.17 -9.74
CA HIS A 432 18.78 16.95 -9.07
C HIS A 432 18.33 17.57 -7.75
N TYR A 433 17.11 17.29 -7.30
CA TYR A 433 16.62 17.74 -6.01
C TYR A 433 17.02 16.69 -4.97
N SER A 434 17.93 17.06 -4.07
CA SER A 434 18.58 16.08 -3.21
C SER A 434 17.96 15.96 -1.81
N ASP A 435 17.04 16.86 -1.43
CA ASP A 435 16.54 16.88 -0.06
C ASP A 435 15.45 15.85 0.22
N GLY A 436 14.91 15.21 -0.81
CA GLY A 436 13.78 14.34 -0.62
C GLY A 436 13.22 13.85 -1.92
N PRO A 437 12.22 12.97 -1.85
CA PRO A 437 11.61 12.42 -3.07
C PRO A 437 10.79 13.44 -3.84
N CYS A 438 10.73 13.22 -5.15
CA CYS A 438 9.95 14.02 -6.08
C CYS A 438 9.18 13.10 -6.99
N ALA A 439 7.95 13.49 -7.31
CA ALA A 439 7.07 12.72 -8.17
C ALA A 439 6.64 13.60 -9.35
N VAL A 440 6.75 13.05 -10.55
CA VAL A 440 6.36 13.78 -11.76
C VAL A 440 5.31 12.91 -12.44
N ARG A 441 4.06 13.40 -12.52
CA ARG A 441 2.96 12.60 -13.03
C ARG A 441 2.45 13.16 -14.35
N TYR A 442 2.25 12.27 -15.32
CA TYR A 442 1.82 12.65 -16.66
C TYR A 442 0.88 11.62 -17.23
N PRO A 443 0.01 12.04 -18.15
CA PRO A 443 -1.02 11.15 -18.68
C PRO A 443 -0.46 10.25 -19.77
N ARG A 444 -1.22 9.19 -20.02
CA ARG A 444 -1.05 8.39 -21.23
C ARG A 444 -1.42 9.22 -22.45
N GLY A 445 -0.63 9.07 -23.51
CA GLY A 445 -0.90 9.77 -24.76
C GLY A 445 0.10 10.87 -25.04
N SER A 446 -0.20 11.64 -26.08
CA SER A 446 0.76 12.58 -26.64
C SER A 446 0.59 13.97 -26.05
N GLY A 447 1.69 14.73 -26.07
CA GLY A 447 1.69 16.10 -25.64
C GLY A 447 1.26 17.06 -26.73
N THR A 448 1.57 18.34 -26.52
CA THR A 448 1.08 19.43 -27.35
C THR A 448 2.04 19.82 -28.47
N GLY A 449 3.23 19.24 -28.53
CA GLY A 449 4.26 19.69 -29.44
C GLY A 449 5.08 20.85 -28.93
N ALA A 450 5.01 21.15 -27.63
CA ALA A 450 5.70 22.31 -27.10
C ALA A 450 7.20 22.23 -27.39
N THR A 451 7.81 23.40 -27.59
CA THR A 451 9.23 23.44 -27.86
C THR A 451 10.01 22.93 -26.65
N LEU A 452 11.01 22.08 -26.91
CA LEU A 452 11.80 21.49 -25.82
C LEU A 452 12.99 22.40 -25.55
N GLU A 453 12.94 23.14 -24.45
CA GLU A 453 13.97 24.11 -24.11
C GLU A 453 15.13 23.44 -23.39
N PRO A 454 16.27 24.12 -23.26
CA PRO A 454 17.35 23.57 -22.44
C PRO A 454 16.87 23.37 -21.01
N LEU A 455 17.49 22.40 -20.34
CA LEU A 455 17.02 21.93 -19.04
C LEU A 455 17.62 22.76 -17.93
N ALA A 456 16.78 23.22 -17.01
CA ALA A 456 17.24 23.91 -15.82
C ALA A 456 16.26 23.64 -14.70
N SER A 457 16.77 23.56 -13.47
CA SER A 457 15.90 23.26 -12.34
C SER A 457 14.80 24.31 -12.19
N LEU A 458 13.58 23.86 -11.91
CA LEU A 458 12.49 24.81 -11.73
C LEU A 458 12.45 25.32 -10.29
N PRO A 459 12.16 26.59 -10.05
CA PRO A 459 11.98 27.04 -8.66
C PRO A 459 10.89 26.25 -7.98
N ILE A 460 11.21 25.69 -6.82
CA ILE A 460 10.30 24.76 -6.18
C ILE A 460 9.13 25.52 -5.55
N GLY A 461 7.92 24.99 -5.75
CA GLY A 461 6.70 25.61 -5.24
C GLY A 461 6.32 26.94 -5.86
N LYS A 462 6.53 27.12 -7.16
CA LYS A 462 6.20 28.38 -7.81
C LYS A 462 5.44 28.11 -9.11
N GLY A 463 4.33 28.84 -9.32
CA GLY A 463 3.57 28.73 -10.53
C GLY A 463 3.96 29.79 -11.57
N VAL A 464 3.47 29.58 -12.79
CA VAL A 464 3.69 30.47 -13.93
C VAL A 464 2.39 31.18 -14.27
N VAL A 465 2.36 32.50 -14.15
CA VAL A 465 1.21 33.26 -14.63
C VAL A 465 1.24 33.26 -16.15
N LYS A 466 0.19 32.73 -16.76
CA LYS A 466 0.04 32.69 -18.22
C LYS A 466 -0.85 33.81 -18.77
N ARG A 467 -1.79 34.32 -17.99
CA ARG A 467 -2.74 35.32 -18.49
C ARG A 467 -3.28 36.07 -17.30
N GLN A 468 -3.27 37.40 -17.40
CA GLN A 468 -3.85 38.26 -16.38
C GLN A 468 -5.24 38.66 -16.85
N GLY A 469 -6.25 38.31 -16.06
CA GLY A 469 -7.63 38.61 -16.39
C GLY A 469 -8.34 39.38 -15.30
N GLU A 470 -9.66 39.31 -15.28
CA GLU A 470 -10.48 40.02 -14.33
C GLU A 470 -11.46 39.05 -13.69
N LYS A 471 -11.72 39.25 -12.40
CA LYS A 471 -12.86 38.65 -11.69
C LYS A 471 -12.61 37.22 -11.22
N ILE A 472 -12.11 36.36 -12.12
CA ILE A 472 -11.88 34.95 -11.82
C ILE A 472 -10.47 34.54 -12.26
N ALA A 473 -9.83 33.69 -11.46
CA ALA A 473 -8.51 33.16 -11.78
C ALA A 473 -8.61 31.64 -11.83
N ILE A 474 -8.19 31.06 -12.96
CA ILE A 474 -8.09 29.62 -13.12
C ILE A 474 -6.67 29.17 -12.76
N LEU A 475 -6.59 28.16 -11.89
CA LEU A 475 -5.35 27.59 -11.37
C LEU A 475 -5.23 26.15 -11.86
N ASN A 476 -4.39 25.93 -12.85
CA ASN A 476 -4.31 24.65 -13.53
C ASN A 476 -3.16 23.81 -12.95
N PHE A 477 -3.43 22.54 -12.68
CA PHE A 477 -2.38 21.57 -12.32
C PHE A 477 -2.39 20.48 -13.40
N GLY A 478 -1.48 20.57 -14.36
CA GLY A 478 -1.24 19.47 -15.28
C GLY A 478 -1.67 19.75 -16.71
N THR A 479 -1.96 18.65 -17.42
CA THR A 479 -2.08 18.67 -18.87
C THR A 479 -3.42 19.20 -19.40
N LEU A 480 -4.35 19.64 -18.54
CA LEU A 480 -5.56 20.25 -19.10
C LEU A 480 -5.36 21.73 -19.41
N LEU A 481 -4.14 22.24 -19.27
CA LEU A 481 -3.87 23.66 -19.46
C LEU A 481 -4.46 24.23 -20.73
N PRO A 482 -4.29 23.60 -21.90
CA PRO A 482 -4.84 24.23 -23.12
C PRO A 482 -6.35 24.40 -23.06
N GLU A 483 -7.07 23.41 -22.54
CA GLU A 483 -8.50 23.61 -22.32
C GLU A 483 -8.73 24.82 -21.41
N ALA A 484 -7.95 24.91 -20.33
CA ALA A 484 -8.11 26.04 -19.43
C ALA A 484 -7.76 27.35 -20.13
N ALA A 485 -6.79 27.33 -21.05
CA ALA A 485 -6.42 28.54 -21.78
C ALA A 485 -7.57 29.02 -22.67
N ALA A 486 -8.28 28.09 -23.31
CA ALA A 486 -9.41 28.48 -24.14
C ALA A 486 -10.49 29.15 -23.29
N VAL A 487 -10.79 28.57 -22.13
CA VAL A 487 -11.78 29.15 -21.24
C VAL A 487 -11.35 30.54 -20.77
N ALA A 488 -10.07 30.67 -20.38
CA ALA A 488 -9.60 31.91 -19.76
C ALA A 488 -9.78 33.09 -20.70
N ASP A 489 -9.46 32.92 -21.99
CA ASP A 489 -9.70 33.98 -22.94
C ASP A 489 -11.19 34.21 -23.12
N LYS A 490 -11.99 33.14 -23.26
CA LYS A 490 -13.42 33.31 -23.41
C LYS A 490 -14.00 34.12 -22.27
N LEU A 491 -13.58 33.83 -21.03
CA LEU A 491 -14.14 34.50 -19.86
C LEU A 491 -13.32 35.71 -19.43
N ASN A 492 -12.25 36.04 -20.18
CA ASN A 492 -11.31 37.09 -19.80
C ASN A 492 -10.83 36.87 -18.37
N ALA A 493 -10.38 35.66 -18.10
CA ALA A 493 -9.95 35.26 -16.77
C ALA A 493 -8.43 35.26 -16.66
N THR A 494 -7.95 35.32 -15.43
CA THR A 494 -6.57 35.05 -15.15
C THR A 494 -6.31 33.54 -15.24
N LEU A 495 -5.12 33.18 -15.69
CA LEU A 495 -4.78 31.77 -15.89
C LEU A 495 -3.36 31.53 -15.37
N VAL A 496 -3.23 30.52 -14.53
CA VAL A 496 -1.95 30.17 -13.91
C VAL A 496 -1.68 28.70 -14.14
N ASP A 497 -0.45 28.38 -14.54
CA ASP A 497 0.06 27.01 -14.52
C ASP A 497 0.74 26.79 -13.17
N MET A 498 0.11 25.96 -12.33
CA MET A 498 0.55 25.89 -10.94
C MET A 498 1.85 25.11 -10.76
N ARG A 499 2.15 24.17 -11.66
CA ARG A 499 3.37 23.35 -11.64
C ARG A 499 3.45 22.39 -10.45
N PHE A 500 3.39 22.91 -9.23
CA PHE A 500 3.60 22.11 -8.02
C PHE A 500 2.26 21.89 -7.32
N VAL A 501 1.87 20.63 -7.17
CA VAL A 501 0.81 20.29 -6.23
C VAL A 501 1.30 20.47 -4.80
N LYS A 502 2.58 20.14 -4.57
CA LYS A 502 3.17 20.26 -3.26
C LYS A 502 4.67 20.49 -3.46
N PRO A 503 5.27 21.50 -2.82
CA PRO A 503 4.62 22.54 -2.02
C PRO A 503 3.88 23.50 -2.96
N LEU A 504 2.69 23.96 -2.55
CA LEU A 504 1.92 24.91 -3.35
C LEU A 504 2.58 26.29 -3.33
N ASP A 505 2.37 27.04 -4.41
CA ASP A 505 2.78 28.46 -4.48
C ASP A 505 1.82 29.25 -3.59
N THR A 506 2.09 29.21 -2.28
CA THR A 506 1.21 29.89 -1.33
C THR A 506 1.12 31.38 -1.64
N ALA A 507 2.27 32.02 -1.90
CA ALA A 507 2.28 33.45 -2.16
C ALA A 507 1.39 33.79 -3.35
N LEU A 508 1.53 33.04 -4.44
CA LEU A 508 0.69 33.31 -5.62
C LEU A 508 -0.79 33.12 -5.29
N ILE A 509 -1.14 32.03 -4.59
CA ILE A 509 -2.55 31.77 -4.28
C ILE A 509 -3.18 32.96 -3.57
N LEU A 510 -2.52 33.44 -2.52
CA LEU A 510 -3.06 34.54 -1.73
C LEU A 510 -3.17 35.81 -2.57
N GLN A 511 -2.19 36.06 -3.44
CA GLN A 511 -2.28 37.23 -4.31
C GLN A 511 -3.46 37.11 -5.25
N LEU A 512 -3.63 35.93 -5.85
CA LEU A 512 -4.78 35.72 -6.71
C LEU A 512 -6.08 35.98 -5.95
N ALA A 513 -6.14 35.52 -4.70
CA ALA A 513 -7.38 35.60 -3.93
C ALA A 513 -7.75 37.03 -3.58
N GLY A 514 -6.77 37.91 -3.46
CA GLY A 514 -7.03 39.30 -3.18
C GLY A 514 -7.38 40.14 -4.39
N GLU A 515 -7.20 39.58 -5.59
CA GLU A 515 -7.41 40.31 -6.83
C GLU A 515 -8.63 39.85 -7.61
N HIS A 516 -9.32 38.79 -7.17
CA HIS A 516 -10.41 38.19 -7.93
C HIS A 516 -11.59 37.86 -7.01
N ASP A 517 -12.79 37.81 -7.60
CA ASP A 517 -13.97 37.41 -6.83
C ASP A 517 -13.99 35.92 -6.54
N ALA A 518 -13.48 35.09 -7.46
CA ALA A 518 -13.49 33.65 -7.26
C ALA A 518 -12.28 33.02 -7.93
N LEU A 519 -11.92 31.84 -7.44
CA LEU A 519 -10.86 31.03 -7.99
C LEU A 519 -11.47 29.74 -8.54
N VAL A 520 -10.75 29.11 -9.47
CA VAL A 520 -11.15 27.85 -10.09
C VAL A 520 -9.91 26.98 -10.19
N THR A 521 -9.96 25.76 -9.65
CA THR A 521 -8.84 24.84 -9.76
C THR A 521 -9.19 23.73 -10.75
N LEU A 522 -8.16 23.20 -11.41
CA LEU A 522 -8.33 22.19 -12.45
C LEU A 522 -7.22 21.15 -12.36
N GLU A 523 -7.62 19.87 -12.39
CA GLU A 523 -6.69 18.76 -12.27
C GLU A 523 -7.35 17.51 -12.81
N GLU A 524 -6.53 16.59 -13.31
CA GLU A 524 -7.04 15.30 -13.74
C GLU A 524 -6.79 14.28 -12.63
N ASN A 525 -7.52 14.47 -11.53
CA ASN A 525 -7.37 13.73 -10.30
C ASN A 525 -8.64 13.96 -9.48
N ALA A 526 -9.00 12.97 -8.66
CA ALA A 526 -10.15 13.10 -7.78
C ALA A 526 -10.17 14.49 -7.15
N ILE A 527 -11.35 15.14 -7.20
CA ILE A 527 -11.52 16.40 -6.49
C ILE A 527 -11.23 16.20 -5.00
N MET A 528 -11.77 15.13 -4.42
CA MET A 528 -11.60 14.86 -3.00
C MET A 528 -10.12 14.65 -2.65
N GLY A 529 -9.61 15.50 -1.75
CA GLY A 529 -8.21 15.46 -1.38
C GLY A 529 -7.23 15.88 -2.46
N GLY A 530 -7.73 16.28 -3.63
CA GLY A 530 -6.88 16.59 -4.77
C GLY A 530 -6.09 17.89 -4.63
N ALA A 531 -5.52 18.31 -5.76
CA ALA A 531 -4.65 19.49 -5.78
C ALA A 531 -5.42 20.78 -5.45
N GLY A 532 -6.60 20.95 -6.07
CA GLY A 532 -7.43 22.11 -5.78
C GLY A 532 -7.90 22.16 -4.34
N SER A 533 -8.24 20.99 -3.76
CA SER A 533 -8.47 20.91 -2.33
C SER A 533 -7.26 21.44 -1.55
N GLY A 534 -6.05 21.19 -2.04
CA GLY A 534 -4.89 21.81 -1.43
C GLY A 534 -4.99 23.34 -1.41
N VAL A 535 -5.34 23.93 -2.54
CA VAL A 535 -5.54 25.38 -2.58
C VAL A 535 -6.59 25.81 -1.53
N ASN A 536 -7.77 25.17 -1.54
CA ASN A 536 -8.80 25.46 -0.53
C ASN A 536 -8.17 25.62 0.85
N GLU A 537 -7.32 24.66 1.24
CA GLU A 537 -6.75 24.60 2.59
C GLU A 537 -5.87 25.81 2.87
N VAL A 538 -5.12 26.27 1.88
CA VAL A 538 -4.28 27.45 2.07
C VAL A 538 -5.13 28.67 2.34
N LEU A 539 -6.20 28.86 1.56
CA LEU A 539 -7.07 30.02 1.74
C LEU A 539 -7.75 30.00 3.10
N MET A 540 -8.29 28.85 3.51
CA MET A 540 -8.91 28.72 4.83
C MET A 540 -7.91 29.03 5.93
N ALA A 541 -6.70 28.46 5.84
CA ALA A 541 -5.70 28.70 6.88
C ALA A 541 -5.41 30.18 7.05
N HIS A 542 -5.43 30.94 5.96
CA HIS A 542 -5.22 32.38 6.02
C HIS A 542 -6.52 33.16 6.18
N ARG A 543 -7.64 32.47 6.41
CA ARG A 543 -8.94 33.12 6.58
C ARG A 543 -9.31 33.95 5.35
N ARG A 544 -8.98 33.44 4.18
CA ARG A 544 -9.28 34.11 2.92
C ARG A 544 -10.41 33.35 2.24
N ALA A 545 -11.59 33.42 2.84
CA ALA A 545 -12.74 32.71 2.28
C ALA A 545 -13.20 33.33 0.97
N VAL A 546 -12.40 33.19 -0.07
CA VAL A 546 -12.80 33.45 -1.45
C VAL A 546 -13.30 32.11 -2.00
N PRO A 547 -14.45 32.07 -2.68
CA PRO A 547 -14.97 30.78 -3.13
C PRO A 547 -14.09 30.17 -4.22
N VAL A 548 -13.98 28.84 -4.20
CA VAL A 548 -13.16 28.12 -5.16
C VAL A 548 -14.02 27.05 -5.81
N LEU A 549 -13.98 26.99 -7.14
CA LEU A 549 -14.60 25.90 -7.89
C LEU A 549 -13.53 24.83 -8.17
N ASN A 550 -13.64 23.68 -7.52
CA ASN A 550 -12.68 22.57 -7.72
C ASN A 550 -13.18 21.73 -8.89
N ILE A 551 -12.51 21.81 -10.05
CA ILE A 551 -12.81 20.94 -11.19
C ILE A 551 -11.80 19.79 -11.22
N GLY A 552 -12.32 18.57 -11.31
CA GLY A 552 -11.50 17.37 -11.34
C GLY A 552 -12.33 16.13 -11.55
N LEU A 553 -11.85 15.00 -11.05
CA LEU A 553 -12.62 13.77 -11.23
C LEU A 553 -13.71 13.67 -10.17
N PRO A 554 -14.93 13.33 -10.56
CA PRO A 554 -15.99 13.14 -9.58
C PRO A 554 -15.78 11.87 -8.76
N ASP A 555 -16.60 11.72 -7.73
CA ASP A 555 -16.39 10.68 -6.74
C ASP A 555 -16.99 9.36 -7.18
N TYR A 556 -16.63 8.89 -8.37
CA TYR A 556 -16.94 7.52 -8.73
C TYR A 556 -15.84 6.98 -9.64
N PHE A 557 -15.65 5.65 -9.59
CA PHE A 557 -14.66 5.03 -10.45
C PHE A 557 -14.99 5.27 -11.93
N ILE A 558 -14.02 5.77 -12.67
CA ILE A 558 -14.27 6.31 -14.01
C ILE A 558 -14.39 5.15 -15.00
N PRO A 559 -15.45 5.10 -15.80
CA PRO A 559 -15.66 3.97 -16.72
C PRO A 559 -14.81 4.09 -17.99
N GLN A 560 -14.88 3.03 -18.79
CA GLN A 560 -14.07 2.88 -19.99
C GLN A 560 -14.58 3.74 -21.16
N GLY A 561 -13.67 4.03 -22.06
CA GLY A 561 -13.93 4.80 -23.27
C GLY A 561 -12.60 5.31 -23.78
N THR A 562 -12.66 6.06 -24.88
CA THR A 562 -11.45 6.76 -25.28
C THR A 562 -11.17 7.92 -24.32
N GLN A 563 -9.89 8.22 -24.11
CA GLN A 563 -9.58 9.30 -23.18
C GLN A 563 -10.32 10.58 -23.56
N GLU A 564 -10.46 10.83 -24.86
CA GLU A 564 -11.15 12.04 -25.31
C GLU A 564 -12.64 11.98 -24.93
N GLU A 565 -13.32 10.88 -25.28
CA GLU A 565 -14.72 10.72 -24.91
C GLU A 565 -14.94 10.94 -23.43
N ILE A 566 -14.15 10.26 -22.60
CA ILE A 566 -14.38 10.28 -21.17
C ILE A 566 -14.09 11.67 -20.61
N ARG A 567 -13.07 12.33 -21.14
CA ARG A 567 -12.80 13.70 -20.73
C ARG A 567 -13.97 14.62 -21.09
N ALA A 568 -14.50 14.48 -22.30
CA ALA A 568 -15.69 15.24 -22.68
C ALA A 568 -16.87 14.89 -21.76
N ASP A 569 -17.12 13.59 -21.54
CA ASP A 569 -18.27 13.19 -20.73
C ASP A 569 -18.18 13.79 -19.34
N LEU A 570 -16.98 13.86 -18.78
CA LEU A 570 -16.74 14.40 -17.46
C LEU A 570 -16.69 15.92 -17.44
N GLY A 571 -16.84 16.57 -18.60
CA GLY A 571 -16.80 18.03 -18.63
C GLY A 571 -15.42 18.63 -18.45
N LEU A 572 -14.37 17.88 -18.75
CA LEU A 572 -12.98 18.33 -18.60
C LEU A 572 -12.37 18.79 -19.91
N ASP A 573 -13.18 19.09 -20.91
CA ASP A 573 -12.76 19.89 -22.05
C ASP A 573 -13.21 21.33 -21.86
N ALA A 574 -12.73 22.20 -22.75
CA ALA A 574 -13.06 23.63 -22.65
C ALA A 574 -14.56 23.88 -22.56
N ALA A 575 -15.34 23.25 -23.44
CA ALA A 575 -16.80 23.45 -23.39
C ALA A 575 -17.36 23.08 -22.02
N GLY A 576 -16.92 21.94 -21.46
CA GLY A 576 -17.43 21.52 -20.16
C GLY A 576 -16.90 22.37 -19.02
N ILE A 577 -15.64 22.81 -19.13
CA ILE A 577 -15.05 23.64 -18.09
C ILE A 577 -15.75 24.98 -18.01
N GLU A 578 -16.04 25.60 -19.16
CA GLU A 578 -16.74 26.88 -19.15
C GLU A 578 -18.14 26.73 -18.56
N ALA A 579 -18.88 25.70 -18.98
CA ALA A 579 -20.23 25.52 -18.47
C ALA A 579 -20.21 25.31 -16.96
N LYS A 580 -19.25 24.55 -16.45
CA LYS A 580 -19.14 24.36 -15.02
C LYS A 580 -18.98 25.69 -14.31
N ILE A 581 -18.07 26.54 -14.79
CA ILE A 581 -17.83 27.85 -14.18
C ILE A 581 -19.10 28.69 -14.22
N ARG A 582 -19.73 28.78 -15.40
CA ARG A 582 -20.93 29.60 -15.54
C ARG A 582 -22.04 29.10 -14.62
N ASP A 583 -22.27 27.79 -14.59
CA ASP A 583 -23.31 27.27 -13.70
C ASP A 583 -22.97 27.60 -12.25
N TRP A 584 -21.69 27.52 -11.90
CA TRP A 584 -21.31 27.67 -10.51
C TRP A 584 -21.44 29.12 -10.06
N LEU A 585 -21.24 30.05 -10.99
CA LEU A 585 -21.32 31.48 -10.68
C LEU A 585 -22.75 32.03 -10.69
N ALA A 586 -23.72 31.29 -11.20
CA ALA A 586 -25.10 31.78 -11.27
C ALA A 586 -25.79 31.78 -9.90
N SER B 2 30.68 8.02 34.87
CA SER B 2 29.50 7.71 35.66
C SER B 2 28.88 6.38 35.22
N PHE B 3 29.58 5.67 34.34
CA PHE B 3 29.19 4.34 33.91
C PHE B 3 29.92 3.32 34.78
N ASP B 4 29.16 2.38 35.33
CA ASP B 4 29.72 1.38 36.23
C ASP B 4 30.79 0.54 35.55
N ILE B 5 32.04 0.97 35.61
CA ILE B 5 33.13 0.16 35.07
C ILE B 5 33.27 -1.12 35.89
N ALA B 6 33.02 -1.06 37.20
CA ALA B 6 33.14 -2.25 38.04
C ALA B 6 32.17 -3.34 37.59
N LYS B 7 30.89 -2.98 37.46
CA LYS B 7 29.91 -3.97 37.05
C LYS B 7 30.11 -4.40 35.60
N TYR B 8 30.52 -3.47 34.73
CA TYR B 8 30.68 -3.73 33.31
C TYR B 8 32.10 -3.42 32.85
N PRO B 9 33.09 -4.21 33.31
CA PRO B 9 34.50 -3.88 32.97
C PRO B 9 34.83 -4.04 31.50
N THR B 10 34.23 -5.01 30.80
CA THR B 10 34.55 -5.15 29.38
C THR B 10 33.72 -4.21 28.53
N LEU B 11 32.39 -4.20 28.73
CA LEU B 11 31.55 -3.23 28.05
C LEU B 11 32.07 -1.81 28.24
N ALA B 12 32.65 -1.51 29.40
CA ALA B 12 33.23 -0.18 29.62
C ALA B 12 34.26 0.16 28.55
N LEU B 13 35.09 -0.82 28.17
CA LEU B 13 36.12 -0.61 27.16
C LEU B 13 35.54 -0.54 25.75
N VAL B 14 34.23 -0.64 25.60
CA VAL B 14 33.59 -0.64 24.29
C VAL B 14 32.57 0.49 24.27
N ASP B 15 32.88 1.55 23.53
CA ASP B 15 31.91 2.58 23.23
C ASP B 15 31.75 2.80 21.73
N SER B 16 32.60 2.19 20.91
CA SER B 16 32.45 2.23 19.46
C SER B 16 32.78 0.85 18.91
N THR B 17 32.28 0.56 17.71
CA THR B 17 32.58 -0.71 17.08
C THR B 17 34.07 -0.87 16.77
N GLN B 18 34.79 0.25 16.64
CA GLN B 18 36.23 0.18 16.47
C GLN B 18 36.92 -0.32 17.74
N GLU B 19 36.47 0.17 18.90
CA GLU B 19 36.93 -0.42 20.16
C GLU B 19 36.53 -1.90 20.25
N LEU B 20 35.29 -2.23 19.89
CA LEU B 20 34.85 -3.62 19.98
C LEU B 20 35.78 -4.54 19.19
N ARG B 21 36.13 -4.14 17.97
CA ARG B 21 36.95 -5.01 17.13
C ARG B 21 38.40 -5.09 17.62
N LEU B 22 38.74 -4.32 18.65
CA LEU B 22 40.05 -4.39 19.28
C LEU B 22 40.13 -5.51 20.32
N LEU B 23 38.99 -6.00 20.79
CA LEU B 23 39.02 -7.08 21.76
C LEU B 23 39.52 -8.37 21.10
N PRO B 24 40.11 -9.28 21.88
CA PRO B 24 40.33 -10.65 21.40
C PRO B 24 39.04 -11.46 21.49
N LYS B 25 38.88 -12.39 20.53
CA LYS B 25 37.61 -13.12 20.46
C LYS B 25 37.31 -13.82 21.77
N GLU B 26 38.33 -14.21 22.53
CA GLU B 26 38.11 -14.95 23.75
C GLU B 26 37.32 -14.15 24.76
N SER B 27 37.30 -12.82 24.65
CA SER B 27 36.55 -12.00 25.59
C SER B 27 35.12 -11.71 25.13
N LEU B 28 34.77 -12.02 23.88
CA LEU B 28 33.42 -11.71 23.41
C LEU B 28 32.33 -12.39 24.23
N PRO B 29 32.49 -13.63 24.72
CA PRO B 29 31.43 -14.21 25.56
C PRO B 29 31.12 -13.38 26.80
N LYS B 30 32.14 -13.06 27.60
CA LYS B 30 31.93 -12.21 28.77
C LYS B 30 31.26 -10.89 28.40
N LEU B 31 31.63 -10.30 27.26
CA LEU B 31 30.98 -9.06 26.85
C LEU B 31 29.50 -9.29 26.57
N CYS B 32 29.16 -10.45 26.01
CA CYS B 32 27.75 -10.76 25.79
C CYS B 32 26.99 -10.83 27.11
N ASP B 33 27.56 -11.49 28.12
CA ASP B 33 26.90 -11.56 29.42
C ASP B 33 26.70 -10.17 30.00
N GLU B 34 27.63 -9.25 29.73
CA GLU B 34 27.53 -7.93 30.32
C GLU B 34 26.56 -7.04 29.54
N LEU B 35 26.59 -7.13 28.21
CA LEU B 35 25.61 -6.43 27.39
C LEU B 35 24.19 -6.81 27.81
N ARG B 36 23.94 -8.11 27.95
CA ARG B 36 22.63 -8.59 28.37
C ARG B 36 22.26 -8.06 29.75
N ARG B 37 23.19 -8.17 30.71
CA ARG B 37 22.96 -7.61 32.04
C ARG B 37 22.64 -6.12 31.95
N TYR B 38 23.42 -5.38 31.16
CA TYR B 38 23.20 -3.95 31.00
C TYR B 38 21.84 -3.67 30.39
N LEU B 39 21.52 -4.36 29.30
CA LEU B 39 20.20 -4.21 28.68
C LEU B 39 19.08 -4.51 29.66
N LEU B 40 19.24 -5.59 30.44
CA LEU B 40 18.12 -6.11 31.23
C LEU B 40 17.59 -5.07 32.21
N ASP B 41 18.48 -4.41 32.94
CA ASP B 41 18.01 -3.41 33.89
C ASP B 41 17.81 -2.03 33.25
N SER B 42 18.55 -1.71 32.18
CA SER B 42 18.34 -0.42 31.52
C SER B 42 16.98 -0.36 30.83
N VAL B 43 16.61 -1.41 30.11
CA VAL B 43 15.27 -1.46 29.51
C VAL B 43 14.21 -1.67 30.60
N SER B 44 14.59 -2.33 31.69
CA SER B 44 13.67 -2.53 32.80
C SER B 44 13.11 -1.21 33.28
N ARG B 45 13.93 -0.16 33.29
CA ARG B 45 13.53 1.14 33.82
C ARG B 45 13.02 2.09 32.74
N SER B 46 13.46 1.92 31.49
CA SER B 46 13.01 2.82 30.43
C SER B 46 11.67 2.40 29.83
N SER B 47 11.23 1.16 30.06
CA SER B 47 10.08 0.59 29.36
C SER B 47 10.46 0.34 27.90
N GLY B 48 9.71 -0.51 27.21
CA GLY B 48 9.97 -0.74 25.80
C GLY B 48 10.28 -2.16 25.40
N HIS B 49 10.94 -2.33 24.25
CA HIS B 49 11.10 -3.64 23.64
C HIS B 49 12.17 -4.43 24.40
N PHE B 50 11.73 -5.47 25.10
CA PHE B 50 12.56 -6.18 26.06
C PHE B 50 13.14 -7.46 25.44
N ALA B 51 12.29 -8.48 25.30
CA ALA B 51 12.72 -9.80 24.91
C ALA B 51 13.35 -9.83 23.53
N SER B 52 13.01 -8.88 22.65
CA SER B 52 13.59 -8.87 21.31
C SER B 52 15.08 -8.61 21.38
N GLY B 53 15.48 -7.56 22.11
CA GLY B 53 16.90 -7.24 22.22
C GLY B 53 17.69 -8.33 22.93
N LEU B 54 17.14 -8.89 24.00
CA LEU B 54 17.79 -9.99 24.68
C LEU B 54 18.12 -11.11 23.69
N GLY B 55 17.28 -11.29 22.67
CA GLY B 55 17.48 -12.37 21.72
C GLY B 55 18.56 -12.14 20.69
N THR B 56 19.01 -10.89 20.51
CA THR B 56 20.02 -10.55 19.51
C THR B 56 21.37 -10.14 20.12
N VAL B 57 21.54 -10.29 21.43
CA VAL B 57 22.79 -9.85 22.06
C VAL B 57 23.98 -10.47 21.33
N GLU B 58 24.03 -11.80 21.30
CA GLU B 58 25.19 -12.47 20.69
C GLU B 58 25.30 -12.16 19.21
N LEU B 59 24.17 -12.13 18.50
CA LEU B 59 24.20 -11.82 17.08
C LEU B 59 24.79 -10.42 16.83
N THR B 60 24.37 -9.44 17.64
CA THR B 60 24.81 -8.06 17.42
C THR B 60 26.31 -7.94 17.68
N VAL B 61 26.80 -8.56 18.75
CA VAL B 61 28.23 -8.56 19.03
C VAL B 61 28.99 -9.18 17.86
N ALA B 62 28.56 -10.35 17.39
CA ALA B 62 29.27 -10.99 16.29
C ALA B 62 29.30 -10.09 15.06
N LEU B 63 28.16 -9.50 14.71
CA LEU B 63 28.04 -8.76 13.46
C LEU B 63 28.97 -7.55 13.42
N HIS B 64 29.05 -6.81 14.53
CA HIS B 64 29.89 -5.63 14.54
C HIS B 64 31.35 -5.97 14.74
N TYR B 65 31.64 -7.17 15.28
CA TYR B 65 33.02 -7.66 15.36
C TYR B 65 33.55 -8.07 14.00
N VAL B 66 32.70 -8.62 13.13
CA VAL B 66 33.16 -9.17 11.87
C VAL B 66 33.05 -8.16 10.74
N TYR B 67 32.00 -7.33 10.74
CA TYR B 67 31.79 -6.33 9.69
C TYR B 67 32.46 -5.00 10.06
N ASN B 68 33.03 -4.33 9.07
CA ASN B 68 33.72 -3.07 9.27
C ASN B 68 32.74 -1.89 9.29
N THR B 69 31.80 -1.96 10.24
CA THR B 69 30.82 -0.89 10.36
C THR B 69 31.48 0.38 10.91
N PRO B 70 31.05 1.57 10.46
CA PRO B 70 29.87 1.83 9.61
C PRO B 70 30.16 1.83 8.11
N PHE B 71 31.40 1.62 7.68
CA PHE B 71 31.67 1.47 6.25
C PHE B 71 30.85 0.33 5.67
N ASP B 72 31.04 -0.88 6.19
CA ASP B 72 30.09 -1.96 5.94
C ASP B 72 28.71 -1.57 6.48
N ARG B 73 27.67 -1.92 5.75
CA ARG B 73 26.32 -1.46 6.06
C ARG B 73 25.46 -2.60 6.61
N LEU B 74 24.99 -2.42 7.84
CA LEU B 74 24.11 -3.36 8.51
C LEU B 74 22.72 -2.74 8.64
N ILE B 75 21.70 -3.48 8.20
CA ILE B 75 20.31 -3.05 8.28
C ILE B 75 19.56 -4.03 9.17
N TRP B 76 18.90 -3.48 10.20
CA TRP B 76 18.05 -4.26 11.09
C TRP B 76 16.60 -4.13 10.62
N ASP B 77 15.91 -5.25 10.50
CA ASP B 77 14.50 -5.22 10.11
C ASP B 77 13.63 -4.85 11.31
N VAL B 78 12.69 -3.93 11.09
CA VAL B 78 11.80 -3.42 12.12
C VAL B 78 12.58 -2.55 13.10
N GLY B 79 13.56 -3.14 13.77
CA GLY B 79 14.37 -2.42 14.73
C GLY B 79 13.96 -2.64 16.17
N HIS B 80 12.90 -3.41 16.43
CA HIS B 80 12.50 -3.74 17.79
C HIS B 80 13.58 -4.51 18.54
N GLN B 81 14.52 -5.12 17.80
CA GLN B 81 15.58 -5.95 18.38
C GLN B 81 16.94 -5.26 18.36
N ALA B 82 16.98 -3.95 18.16
CA ALA B 82 18.22 -3.24 17.85
C ALA B 82 18.79 -2.45 19.03
N TYR B 83 18.24 -2.62 20.24
CA TYR B 83 18.86 -1.96 21.39
C TYR B 83 20.32 -2.34 21.58
N PRO B 84 20.72 -3.61 21.50
CA PRO B 84 22.16 -3.90 21.61
C PRO B 84 22.95 -3.21 20.52
N HIS B 85 22.38 -3.15 19.31
CA HIS B 85 23.02 -2.44 18.22
C HIS B 85 23.32 -1.00 18.62
N LYS B 86 22.33 -0.29 19.17
CA LYS B 86 22.57 1.08 19.59
C LYS B 86 23.60 1.15 20.71
N ILE B 87 23.54 0.22 21.67
CA ILE B 87 24.46 0.28 22.80
C ILE B 87 25.90 0.14 22.33
N LEU B 88 26.14 -0.67 21.29
CA LEU B 88 27.48 -0.93 20.78
C LEU B 88 27.95 0.13 19.79
N THR B 89 27.05 1.01 19.33
CA THR B 89 27.37 1.99 18.30
C THR B 89 27.24 3.42 18.82
N GLY B 90 27.88 3.73 19.94
CA GLY B 90 28.02 5.10 20.39
C GLY B 90 26.94 5.60 21.32
N ARG B 91 25.82 4.88 21.46
CA ARG B 91 24.71 5.34 22.28
C ARG B 91 24.57 4.56 23.57
N ARG B 92 25.67 3.95 24.04
CA ARG B 92 25.63 3.14 25.24
C ARG B 92 25.01 3.90 26.41
N ASP B 93 25.46 5.13 26.63
CA ASP B 93 25.09 5.88 27.82
C ASP B 93 23.81 6.70 27.65
N LYS B 94 23.10 6.53 26.54
CA LYS B 94 21.77 7.12 26.37
C LYS B 94 20.69 6.09 26.19
N ILE B 95 21.03 4.80 26.27
CA ILE B 95 20.03 3.75 26.05
C ILE B 95 18.84 3.94 26.99
N GLY B 96 19.09 4.49 28.18
CA GLY B 96 18.01 4.69 29.14
C GLY B 96 16.95 5.68 28.71
N THR B 97 17.24 6.54 27.72
CA THR B 97 16.27 7.53 27.25
C THR B 97 15.42 7.04 26.10
N ILE B 98 15.58 5.78 25.68
CA ILE B 98 14.92 5.33 24.46
C ILE B 98 13.41 5.39 24.64
N ARG B 99 12.72 5.73 23.54
CA ARG B 99 11.27 5.85 23.45
C ARG B 99 10.72 7.04 24.22
N GLN B 100 11.56 7.82 24.89
CA GLN B 100 11.12 9.00 25.61
C GLN B 100 11.23 10.23 24.72
N LYS B 101 10.42 11.24 25.03
CA LYS B 101 10.47 12.50 24.30
C LYS B 101 11.87 13.08 24.38
N GLY B 102 12.47 13.34 23.23
CA GLY B 102 13.81 13.88 23.17
C GLY B 102 14.91 12.86 23.36
N GLY B 103 14.57 11.58 23.47
CA GLY B 103 15.54 10.52 23.64
C GLY B 103 15.79 9.74 22.36
N LEU B 104 16.58 8.69 22.51
CA LEU B 104 16.88 7.83 21.36
C LEU B 104 15.60 7.36 20.68
N HIS B 105 15.64 7.30 19.35
CA HIS B 105 14.49 6.80 18.61
C HIS B 105 14.18 5.37 19.04
N PRO B 106 12.91 4.98 19.01
CA PRO B 106 12.56 3.59 19.37
C PRO B 106 13.26 2.56 18.51
N PHE B 107 13.55 2.87 17.25
CA PHE B 107 14.20 1.98 16.31
C PHE B 107 15.37 2.70 15.66
N PRO B 108 16.18 1.98 14.88
CA PRO B 108 17.27 2.65 14.14
C PRO B 108 16.73 3.78 13.29
N TRP B 109 17.47 4.88 13.24
CA TRP B 109 17.02 6.09 12.56
C TRP B 109 18.20 6.72 11.85
N ARG B 110 18.10 6.89 10.51
CA ARG B 110 19.24 7.38 9.74
C ARG B 110 19.80 8.67 10.33
N GLY B 111 18.93 9.56 10.80
CA GLY B 111 19.43 10.82 11.31
C GLY B 111 20.04 10.76 12.69
N GLU B 112 19.91 9.63 13.38
CA GLU B 112 20.46 9.53 14.74
C GLU B 112 21.90 9.04 14.75
N SER B 113 22.32 8.29 13.74
CA SER B 113 23.64 7.70 13.75
C SER B 113 23.98 7.24 12.34
N GLU B 114 25.26 7.38 11.98
CA GLU B 114 25.74 6.79 10.75
C GLU B 114 25.71 5.26 10.78
N TYR B 115 25.54 4.67 11.96
CA TYR B 115 25.38 3.22 12.09
C TYR B 115 23.97 2.75 11.75
N ASP B 116 22.99 3.65 11.61
CA ASP B 116 21.61 3.26 11.26
C ASP B 116 21.43 3.51 9.77
N VAL B 117 21.56 2.44 8.97
CA VAL B 117 21.56 2.57 7.52
C VAL B 117 20.17 2.89 6.98
N LEU B 118 19.13 2.38 7.61
CA LEU B 118 17.76 2.52 7.16
C LEU B 118 16.89 2.77 8.37
N SER B 119 16.04 3.80 8.32
CA SER B 119 15.07 3.97 9.39
C SER B 119 14.03 2.89 9.25
N VAL B 120 13.69 2.23 10.36
CA VAL B 120 12.81 1.07 10.30
C VAL B 120 11.72 1.20 11.37
N GLY B 121 10.73 0.31 11.26
CA GLY B 121 9.57 0.34 12.15
C GLY B 121 8.51 -0.57 11.56
N HIS B 122 7.95 -0.18 10.42
CA HIS B 122 7.30 -1.14 9.57
C HIS B 122 8.28 -2.28 9.27
N SER B 123 7.74 -3.48 9.07
CA SER B 123 8.57 -4.67 8.95
C SER B 123 8.90 -4.99 7.50
N SER B 124 9.90 -5.84 7.31
CA SER B 124 10.20 -6.53 6.07
C SER B 124 10.82 -5.62 5.02
N THR B 125 11.31 -4.45 5.42
CA THR B 125 11.98 -3.58 4.48
C THR B 125 13.48 -3.87 4.33
N SER B 126 14.03 -4.74 5.19
CA SER B 126 15.49 -4.91 5.28
C SER B 126 16.08 -5.50 4.01
N ILE B 127 15.52 -6.61 3.51
CA ILE B 127 16.09 -7.25 2.34
C ILE B 127 16.01 -6.33 1.12
N SER B 128 14.84 -5.71 0.91
CA SER B 128 14.66 -4.81 -0.24
C SER B 128 15.72 -3.71 -0.25
N ALA B 129 15.86 -2.99 0.87
CA ALA B 129 16.88 -1.95 0.93
C ALA B 129 18.29 -2.53 0.84
N GLY B 130 18.52 -3.66 1.52
CA GLY B 130 19.84 -4.29 1.47
C GLY B 130 20.29 -4.60 0.05
N ILE B 131 19.36 -5.09 -0.78
CA ILE B 131 19.69 -5.37 -2.17
C ILE B 131 20.16 -4.08 -2.87
N GLY B 132 19.42 -2.99 -2.68
CA GLY B 132 19.80 -1.73 -3.31
C GLY B 132 21.18 -1.27 -2.87
N VAL B 133 21.50 -1.44 -1.59
CA VAL B 133 22.80 -0.97 -1.14
C VAL B 133 23.88 -1.94 -1.55
N ALA B 134 23.54 -3.21 -1.78
CA ALA B 134 24.51 -4.20 -2.24
C ALA B 134 24.87 -3.97 -3.69
N ILE B 135 23.86 -3.61 -4.52
CA ILE B 135 24.13 -3.31 -5.91
C ILE B 135 25.01 -2.07 -6.01
N ALA B 136 24.62 -1.00 -5.30
CA ALA B 136 25.45 0.18 -5.20
C ALA B 136 26.88 -0.16 -4.79
N ALA B 137 27.04 -1.09 -3.84
CA ALA B 137 28.37 -1.39 -3.33
C ALA B 137 29.23 -2.12 -4.36
N ALA B 138 28.62 -2.96 -5.19
CA ALA B 138 29.35 -3.56 -6.30
C ALA B 138 29.81 -2.49 -7.28
N LYS B 139 28.91 -1.60 -7.67
CA LYS B 139 29.27 -0.55 -8.62
C LYS B 139 30.37 0.35 -8.04
N GLU B 140 30.24 0.76 -6.78
CA GLU B 140 31.28 1.58 -6.15
C GLU B 140 32.64 0.90 -6.17
N ASP B 141 32.68 -0.43 -6.28
CA ASP B 141 33.88 -1.19 -6.61
C ASP B 141 35.00 -0.98 -5.60
N LYS B 142 34.64 -0.52 -4.41
CA LYS B 142 35.46 -0.67 -3.22
C LYS B 142 35.08 -2.03 -2.62
N GLN B 143 35.43 -2.31 -1.38
CA GLN B 143 35.12 -3.64 -0.84
C GLN B 143 34.06 -3.58 0.26
N ARG B 144 33.07 -2.73 0.02
CA ARG B 144 32.00 -2.50 0.98
C ARG B 144 31.04 -3.68 1.03
N ARG B 145 30.71 -4.12 2.23
CA ARG B 145 29.89 -5.31 2.42
C ARG B 145 28.51 -4.91 2.95
N ALA B 146 27.53 -5.80 2.76
CA ALA B 146 26.13 -5.48 3.04
C ALA B 146 25.46 -6.69 3.70
N VAL B 147 24.77 -6.45 4.81
CA VAL B 147 24.13 -7.52 5.58
C VAL B 147 22.88 -6.96 6.23
N CYS B 148 21.84 -7.77 6.31
CA CYS B 148 20.63 -7.40 7.04
C CYS B 148 20.18 -8.56 7.92
N VAL B 149 19.39 -8.21 8.94
CA VAL B 149 18.82 -9.18 9.86
C VAL B 149 17.31 -9.04 9.78
N ILE B 150 16.62 -10.13 9.46
CA ILE B 150 15.16 -10.13 9.38
C ILE B 150 14.57 -11.26 10.21
N GLY B 151 13.45 -10.96 10.89
CA GLY B 151 12.83 -11.94 11.76
C GLY B 151 11.99 -12.95 10.98
N ASP B 152 11.66 -14.06 11.66
CA ASP B 152 10.82 -15.06 11.01
C ASP B 152 9.42 -14.51 10.72
N GLY B 153 8.90 -13.61 11.56
CA GLY B 153 7.65 -12.94 11.22
C GLY B 153 7.79 -11.99 10.05
N ALA B 154 8.79 -11.10 10.10
CA ALA B 154 8.91 -10.10 9.04
C ALA B 154 9.04 -10.75 7.67
N ILE B 155 9.68 -11.91 7.59
CA ILE B 155 9.95 -12.52 6.29
C ILE B 155 8.69 -13.13 5.65
N THR B 156 7.55 -13.11 6.36
CA THR B 156 6.29 -13.53 5.74
C THR B 156 5.65 -12.45 4.88
N ALA B 157 6.17 -11.22 4.88
CA ALA B 157 5.56 -10.15 4.10
C ALA B 157 5.85 -10.32 2.62
N GLY B 158 4.90 -9.88 1.79
CA GLY B 158 5.07 -10.03 0.36
C GLY B 158 6.33 -9.36 -0.16
N MET B 159 6.66 -8.20 0.39
CA MET B 159 7.82 -7.47 -0.13
C MET B 159 9.13 -8.20 0.17
N ALA B 160 9.19 -8.96 1.26
CA ALA B 160 10.35 -9.81 1.51
C ALA B 160 10.47 -10.92 0.46
N PHE B 161 9.34 -11.51 0.06
CA PHE B 161 9.37 -12.48 -1.02
C PHE B 161 9.78 -11.82 -2.34
N GLU B 162 9.22 -10.63 -2.63
CA GLU B 162 9.60 -9.95 -3.86
C GLU B 162 11.10 -9.69 -3.88
N ALA B 163 11.66 -9.22 -2.77
CA ALA B 163 13.08 -8.93 -2.70
C ALA B 163 13.90 -10.21 -2.86
N MET B 164 13.53 -11.27 -2.14
CA MET B 164 14.27 -12.53 -2.25
C MET B 164 14.25 -13.05 -3.67
N ASN B 165 13.10 -12.98 -4.35
CA ASN B 165 13.03 -13.43 -5.73
C ASN B 165 13.92 -12.57 -6.63
N HIS B 166 13.97 -11.26 -6.37
CA HIS B 166 14.80 -10.38 -7.20
C HIS B 166 16.27 -10.67 -6.96
N ALA B 167 16.67 -10.81 -5.70
CA ALA B 167 18.05 -11.16 -5.38
C ALA B 167 18.50 -12.42 -6.13
N GLY B 168 17.64 -13.45 -6.16
CA GLY B 168 17.98 -14.68 -6.86
C GLY B 168 18.17 -14.52 -8.36
N ASP B 169 17.58 -13.49 -8.94
CA ASP B 169 17.80 -13.12 -10.33
C ASP B 169 19.04 -12.24 -10.50
N ILE B 170 19.11 -11.13 -9.76
CA ILE B 170 20.17 -10.15 -9.93
C ILE B 170 21.46 -10.60 -9.25
N LYS B 171 21.36 -11.44 -8.23
CA LYS B 171 22.49 -12.04 -7.53
C LYS B 171 23.36 -10.98 -6.89
N PRO B 172 22.82 -10.19 -5.97
CA PRO B 172 23.64 -9.19 -5.27
C PRO B 172 24.52 -9.84 -4.22
N ASP B 173 25.62 -9.14 -3.87
CA ASP B 173 26.48 -9.57 -2.77
C ASP B 173 25.87 -9.07 -1.46
N LEU B 174 24.87 -9.82 -0.97
CA LEU B 174 24.16 -9.44 0.24
C LEU B 174 23.98 -10.66 1.14
N LEU B 175 24.31 -10.50 2.43
CA LEU B 175 24.03 -11.50 3.44
C LEU B 175 22.70 -11.19 4.14
N VAL B 176 21.77 -12.15 4.14
CA VAL B 176 20.53 -12.04 4.88
C VAL B 176 20.63 -12.98 6.07
N VAL B 177 20.53 -12.44 7.29
CA VAL B 177 20.48 -13.25 8.51
C VAL B 177 19.03 -13.42 8.92
N LEU B 178 18.56 -14.67 8.95
CA LEU B 178 17.22 -14.98 9.44
C LEU B 178 17.32 -15.21 10.94
N ASN B 179 16.76 -14.28 11.72
CA ASN B 179 16.72 -14.40 13.17
C ASN B 179 15.44 -15.16 13.52
N ASP B 180 15.53 -16.49 13.47
CA ASP B 180 14.37 -17.36 13.65
C ASP B 180 14.18 -17.64 15.14
N ASN B 181 13.14 -17.05 15.73
CA ASN B 181 12.79 -17.35 17.12
C ASN B 181 11.43 -18.01 17.26
N GLU B 182 10.86 -18.53 16.17
CA GLU B 182 9.56 -19.19 16.15
C GLU B 182 8.42 -18.28 16.58
N MET B 183 8.67 -16.99 16.73
CA MET B 183 7.69 -16.03 17.20
C MET B 183 7.56 -14.90 16.20
N SER B 184 6.34 -14.38 16.06
CA SER B 184 6.10 -13.06 15.48
C SER B 184 6.05 -12.08 16.65
N ILE B 185 4.87 -11.54 16.96
CA ILE B 185 4.63 -10.97 18.28
C ILE B 185 4.01 -12.08 19.11
N SER B 186 2.85 -12.57 18.66
CA SER B 186 2.35 -13.86 19.10
C SER B 186 3.06 -14.95 18.29
N GLU B 187 2.59 -16.18 18.39
CA GLU B 187 3.23 -17.28 17.67
C GLU B 187 3.05 -17.10 16.16
N ASN B 188 4.10 -17.43 15.41
CA ASN B 188 4.10 -17.19 13.97
C ASN B 188 3.23 -18.22 13.24
N VAL B 189 2.63 -17.79 12.13
CA VAL B 189 1.76 -18.63 11.32
C VAL B 189 2.31 -18.70 9.90
N GLY B 190 1.71 -19.57 9.09
CA GLY B 190 2.07 -19.67 7.69
C GLY B 190 2.70 -21.00 7.30
N ALA B 191 2.68 -21.30 6.00
CA ALA B 191 3.33 -22.51 5.50
C ALA B 191 4.84 -22.44 5.65
N LEU B 192 5.42 -21.23 5.54
CA LEU B 192 6.84 -21.06 5.80
C LEU B 192 7.18 -21.38 7.25
N ASN B 193 6.40 -20.83 8.19
CA ASN B 193 6.64 -21.09 9.61
C ASN B 193 6.74 -22.59 9.89
N ASN B 194 5.93 -23.40 9.20
CA ASN B 194 6.01 -24.85 9.38
C ASN B 194 7.22 -25.45 8.67
N HIS B 195 7.61 -24.89 7.52
CA HIS B 195 8.79 -25.36 6.79
C HIS B 195 10.07 -24.92 7.49
N GLY B 203 16.43 -33.44 5.00
CA GLY B 203 15.43 -32.73 4.19
C GLY B 203 15.73 -31.30 3.74
N GLY B 204 16.39 -30.53 4.61
CA GLY B 204 16.75 -29.18 4.29
C GLY B 204 15.70 -28.16 4.71
N PRO B 205 15.96 -27.45 5.81
CA PRO B 205 15.09 -26.33 6.19
C PRO B 205 15.27 -25.10 5.31
N GLY B 206 16.31 -25.07 4.48
CA GLY B 206 16.55 -23.94 3.60
C GLY B 206 16.23 -24.25 2.16
N THR B 207 15.45 -25.30 1.94
CA THR B 207 15.06 -25.68 0.58
C THR B 207 14.36 -24.55 -0.13
N LEU B 208 13.47 -23.84 0.57
CA LEU B 208 12.74 -22.75 -0.04
C LEU B 208 13.70 -21.63 -0.46
N PHE B 209 14.61 -21.27 0.43
CA PHE B 209 15.48 -20.13 0.13
C PHE B 209 16.41 -20.43 -1.02
N GLU B 210 16.91 -21.66 -1.11
CA GLU B 210 17.69 -22.05 -2.27
C GLU B 210 16.86 -22.01 -3.55
N GLU B 211 15.58 -22.37 -3.46
CA GLU B 211 14.75 -22.24 -4.66
C GLU B 211 14.60 -20.78 -5.06
N LEU B 212 14.59 -19.86 -4.09
CA LEU B 212 14.56 -18.44 -4.37
C LEU B 212 15.90 -17.89 -4.86
N GLY B 213 16.97 -18.69 -4.83
CA GLY B 213 18.25 -18.31 -5.41
C GLY B 213 19.35 -17.98 -4.42
N PHE B 214 19.16 -18.28 -3.14
CA PHE B 214 20.10 -17.96 -2.09
C PHE B 214 20.98 -19.16 -1.76
N ASN B 215 22.23 -18.87 -1.38
CA ASN B 215 23.09 -19.86 -0.76
C ASN B 215 22.72 -19.95 0.72
N TYR B 216 22.21 -21.10 1.16
CA TYR B 216 21.67 -21.26 2.50
C TYR B 216 22.67 -21.97 3.41
N ILE B 217 22.80 -21.46 4.63
CA ILE B 217 23.70 -22.01 5.64
C ILE B 217 22.92 -22.10 6.95
N GLY B 218 23.00 -23.24 7.61
CA GLY B 218 22.39 -23.38 8.91
C GLY B 218 21.37 -24.50 8.92
N PRO B 219 20.53 -24.52 9.96
CA PRO B 219 20.38 -23.50 10.99
C PRO B 219 21.52 -23.56 11.99
N VAL B 220 21.83 -22.50 12.74
CA VAL B 220 22.92 -22.49 13.71
C VAL B 220 22.45 -21.82 14.98
N ASP B 221 23.23 -21.98 16.03
CA ASP B 221 22.87 -21.51 17.37
C ASP B 221 23.08 -20.00 17.43
N GLY B 222 21.98 -19.26 17.50
CA GLY B 222 22.05 -17.80 17.50
C GLY B 222 22.64 -17.19 18.74
N HIS B 223 22.89 -18.00 19.79
CA HIS B 223 23.47 -17.51 21.03
C HIS B 223 24.89 -18.04 21.22
N ASP B 224 25.54 -18.43 20.14
CA ASP B 224 26.91 -18.91 20.17
C ASP B 224 27.74 -17.82 19.46
N VAL B 225 28.27 -16.88 20.26
CA VAL B 225 28.87 -15.69 19.66
C VAL B 225 30.12 -16.06 18.86
N LEU B 226 30.93 -16.99 19.37
CA LEU B 226 32.16 -17.32 18.66
C LEU B 226 31.87 -18.13 17.40
N GLY B 227 30.86 -18.99 17.43
CA GLY B 227 30.45 -19.67 16.21
C GLY B 227 29.87 -18.71 15.20
N LEU B 228 29.02 -17.79 15.66
CA LEU B 228 28.50 -16.75 14.78
C LEU B 228 29.65 -15.95 14.17
N VAL B 229 30.67 -15.62 14.98
CA VAL B 229 31.81 -14.87 14.45
C VAL B 229 32.49 -15.65 13.34
N SER B 230 32.90 -16.90 13.63
CA SER B 230 33.56 -17.69 12.60
C SER B 230 32.67 -17.83 11.36
N THR B 231 31.40 -18.20 11.56
CA THR B 231 30.52 -18.41 10.41
C THR B 231 30.24 -17.09 9.68
N LEU B 232 30.00 -15.99 10.41
CA LEU B 232 29.75 -14.73 9.74
C LEU B 232 30.98 -14.23 8.98
N LYS B 233 32.17 -14.33 9.59
CA LYS B 233 33.37 -13.89 8.89
C LYS B 233 33.52 -14.60 7.56
N ASN B 234 33.32 -15.93 7.54
CA ASN B 234 33.30 -16.67 6.30
C ASN B 234 32.28 -16.12 5.30
N MET B 235 31.01 -16.02 5.72
CA MET B 235 29.95 -15.71 4.76
C MET B 235 30.06 -14.28 4.25
N ARG B 236 30.60 -13.37 5.08
CA ARG B 236 30.90 -12.02 4.64
C ARG B 236 31.74 -11.99 3.38
N ASP B 237 32.63 -12.97 3.21
CA ASP B 237 33.53 -13.02 2.05
C ASP B 237 32.93 -13.73 0.85
N LEU B 238 31.77 -14.38 1.01
CA LEU B 238 31.20 -15.15 -0.08
C LEU B 238 30.46 -14.23 -1.03
N LYS B 239 30.41 -14.63 -2.30
CA LYS B 239 29.80 -13.79 -3.32
C LYS B 239 28.33 -14.18 -3.52
N GLY B 240 27.54 -13.21 -3.96
CA GLY B 240 26.15 -13.47 -4.30
C GLY B 240 25.24 -13.48 -3.10
N PRO B 241 23.97 -13.78 -3.32
CA PRO B 241 23.01 -13.74 -2.20
C PRO B 241 23.28 -14.88 -1.23
N GLN B 242 23.53 -14.52 0.02
CA GLN B 242 23.84 -15.46 1.09
C GLN B 242 22.73 -15.39 2.13
N PHE B 243 22.53 -16.51 2.84
CA PHE B 243 21.37 -16.64 3.73
C PHE B 243 21.77 -17.49 4.91
N LEU B 244 21.88 -16.88 6.08
CA LEU B 244 22.29 -17.60 7.28
C LEU B 244 21.08 -17.66 8.20
N HIS B 245 20.68 -18.88 8.54
CA HIS B 245 19.51 -19.15 9.38
C HIS B 245 20.02 -19.39 10.80
N ILE B 246 19.71 -18.48 11.71
CA ILE B 246 20.05 -18.68 13.11
C ILE B 246 18.78 -18.96 13.90
N MET B 247 18.96 -19.65 15.02
CA MET B 247 17.90 -19.87 15.99
C MET B 247 18.24 -19.06 17.23
N THR B 248 17.29 -18.22 17.66
CA THR B 248 17.42 -17.52 18.93
C THR B 248 16.18 -17.81 19.76
N LYS B 249 16.27 -17.52 21.06
CA LYS B 249 15.13 -17.59 21.96
C LYS B 249 14.77 -16.18 22.41
N LYS B 250 13.53 -15.77 22.18
CA LYS B 250 13.11 -14.43 22.57
C LYS B 250 13.17 -14.30 24.08
N GLY B 251 13.79 -13.22 24.56
CA GLY B 251 13.99 -13.05 25.98
C GLY B 251 15.11 -13.88 26.57
N ARG B 252 15.95 -14.51 25.73
CA ARG B 252 17.10 -15.28 26.18
C ARG B 252 17.78 -14.61 27.36
N GLY B 253 17.94 -15.36 28.45
CA GLY B 253 18.61 -14.88 29.64
C GLY B 253 17.70 -14.40 30.75
N TYR B 254 16.41 -14.19 30.48
CA TYR B 254 15.43 -13.81 31.48
C TYR B 254 14.28 -14.82 31.44
N GLU B 255 14.22 -15.69 32.44
CA GLU B 255 13.28 -16.81 32.38
C GLU B 255 11.84 -16.35 32.21
N PRO B 256 11.33 -15.39 32.99
CA PRO B 256 9.97 -14.89 32.72
C PRO B 256 9.72 -14.55 31.25
N ALA B 257 10.69 -13.92 30.57
CA ALA B 257 10.53 -13.58 29.17
C ALA B 257 10.67 -14.80 28.26
N GLU B 258 11.65 -15.67 28.55
CA GLU B 258 11.75 -16.92 27.81
C GLU B 258 10.47 -17.71 27.89
N LYS B 259 9.77 -17.65 29.03
CA LYS B 259 8.53 -18.39 29.21
C LYS B 259 7.32 -17.65 28.63
N ASP B 260 7.34 -16.32 28.61
CA ASP B 260 6.23 -15.53 28.06
C ASP B 260 6.78 -14.46 27.12
N PRO B 261 7.24 -14.86 25.94
CA PRO B 261 7.81 -13.89 24.99
C PRO B 261 6.81 -12.85 24.49
N ILE B 262 5.51 -13.16 24.50
CA ILE B 262 4.52 -12.17 24.07
C ILE B 262 4.44 -11.04 25.08
N THR B 263 4.16 -11.38 26.34
CA THR B 263 4.01 -10.35 27.37
C THR B 263 5.24 -9.46 27.46
N PHE B 264 6.42 -10.04 27.31
CA PHE B 264 7.68 -9.33 27.47
C PHE B 264 8.21 -8.77 26.16
N HIS B 265 7.39 -8.81 25.10
CA HIS B 265 7.75 -8.13 23.85
C HIS B 265 7.89 -6.63 24.07
N ALA B 266 6.84 -6.01 24.64
CA ALA B 266 6.83 -4.60 25.02
C ALA B 266 6.43 -4.51 26.48
N VAL B 267 7.35 -4.06 27.33
CA VAL B 267 7.14 -4.06 28.78
C VAL B 267 6.95 -2.63 29.29
N PRO B 268 6.20 -2.44 30.36
CA PRO B 268 6.23 -1.18 31.09
C PRO B 268 7.49 -1.14 31.95
N LYS B 269 7.69 -0.03 32.65
CA LYS B 269 8.73 0.00 33.65
C LYS B 269 8.40 -1.02 34.75
N PHE B 270 9.30 -1.96 34.97
CA PHE B 270 9.10 -3.01 35.96
C PHE B 270 10.42 -3.29 36.68
N ASP B 271 10.33 -4.01 37.80
CA ASP B 271 11.50 -4.39 38.60
C ASP B 271 11.92 -5.81 38.20
N HIS B 272 13.04 -5.91 37.46
CA HIS B 272 13.44 -7.19 36.91
C HIS B 272 13.74 -8.23 38.00
N THR B 273 13.97 -7.81 39.24
CA THR B 273 14.17 -8.76 40.32
C THR B 273 12.84 -9.36 40.77
N LEU B 284 -9.78 1.97 32.26
CA LEU B 284 -11.00 1.85 31.48
C LEU B 284 -10.76 0.96 30.26
N PRO B 285 -11.84 0.41 29.71
CA PRO B 285 -11.70 -0.42 28.51
C PRO B 285 -11.03 0.36 27.39
N SER B 286 -10.06 -0.27 26.74
CA SER B 286 -9.44 0.35 25.57
C SER B 286 -10.35 0.14 24.35
N TYR B 287 -10.08 0.91 23.30
CA TYR B 287 -10.85 0.71 22.07
C TYR B 287 -10.57 -0.66 21.49
N SER B 288 -9.32 -1.12 21.60
CA SER B 288 -9.00 -2.50 21.21
C SER B 288 -9.89 -3.50 21.95
N LYS B 289 -10.06 -3.31 23.26
CA LYS B 289 -10.89 -4.22 24.03
C LYS B 289 -12.37 -4.04 23.68
N ILE B 290 -12.82 -2.78 23.53
CA ILE B 290 -14.18 -2.52 23.06
C ILE B 290 -14.44 -3.29 21.78
N PHE B 291 -13.44 -3.32 20.89
CA PHE B 291 -13.62 -3.95 19.58
C PHE B 291 -13.68 -5.46 19.72
N GLY B 292 -12.72 -6.04 20.45
CA GLY B 292 -12.73 -7.49 20.63
C GLY B 292 -13.97 -7.97 21.34
N ASP B 293 -14.45 -7.20 22.32
CA ASP B 293 -15.70 -7.56 22.99
C ASP B 293 -16.86 -7.56 22.01
N TRP B 294 -16.90 -6.56 21.13
CA TRP B 294 -17.97 -6.51 20.13
C TRP B 294 -17.87 -7.69 19.16
N LEU B 295 -16.66 -8.13 18.83
CA LEU B 295 -16.48 -9.33 18.01
C LEU B 295 -17.07 -10.56 18.68
N CYS B 296 -16.75 -10.78 19.95
CA CYS B 296 -17.30 -11.94 20.64
C CYS B 296 -18.82 -11.86 20.71
N GLU B 297 -19.36 -10.67 21.01
CA GLU B 297 -20.80 -10.58 21.17
C GLU B 297 -21.53 -10.73 19.83
N THR B 298 -20.93 -10.29 18.73
CA THR B 298 -21.56 -10.46 17.42
C THR B 298 -21.45 -11.91 16.95
N ALA B 299 -20.24 -12.48 16.97
CA ALA B 299 -20.08 -13.88 16.52
C ALA B 299 -20.97 -14.82 17.29
N ALA B 300 -21.29 -14.47 18.55
CA ALA B 300 -22.07 -15.37 19.39
C ALA B 300 -23.48 -15.59 18.85
N LYS B 301 -24.03 -14.62 18.11
CA LYS B 301 -25.39 -14.74 17.61
C LYS B 301 -25.47 -14.71 16.09
N ASP B 302 -24.35 -14.66 15.39
CA ASP B 302 -24.31 -14.51 13.95
C ASP B 302 -23.24 -15.44 13.39
N ASN B 303 -23.66 -16.39 12.54
CA ASN B 303 -22.71 -17.34 11.98
C ASN B 303 -21.82 -16.73 10.89
N LYS B 304 -22.14 -15.54 10.40
CA LYS B 304 -21.45 -14.96 9.25
C LYS B 304 -20.19 -14.19 9.61
N LEU B 305 -20.01 -13.82 10.88
CA LEU B 305 -18.90 -12.94 11.24
C LEU B 305 -17.59 -13.71 11.14
N MET B 306 -16.63 -13.13 10.42
CA MET B 306 -15.26 -13.64 10.36
C MET B 306 -14.32 -12.48 10.64
N ALA B 307 -13.23 -12.74 11.38
CA ALA B 307 -12.31 -11.67 11.77
C ALA B 307 -10.89 -12.00 11.35
N ILE B 308 -10.17 -10.98 10.86
CA ILE B 308 -8.84 -11.14 10.27
C ILE B 308 -7.87 -10.15 10.91
N THR B 309 -6.66 -10.63 11.23
CA THR B 309 -5.57 -9.76 11.64
C THR B 309 -4.29 -10.12 10.88
N PRO B 310 -3.45 -9.13 10.58
CA PRO B 310 -2.14 -9.45 10.01
C PRO B 310 -1.13 -9.45 11.12
N ALA B 311 -1.09 -10.53 11.90
CA ALA B 311 -0.10 -10.77 12.93
C ALA B 311 -0.24 -9.85 14.14
N MET B 312 -1.39 -9.22 14.36
CA MET B 312 -1.56 -8.26 15.44
C MET B 312 -2.74 -8.64 16.34
N ARG B 313 -2.81 -9.91 16.73
CA ARG B 313 -3.91 -10.37 17.56
C ARG B 313 -4.00 -9.63 18.89
N GLU B 314 -2.87 -9.58 19.62
CA GLU B 314 -2.88 -8.96 20.94
C GLU B 314 -3.13 -7.47 20.85
N GLY B 315 -2.47 -6.79 19.91
CA GLY B 315 -2.63 -5.34 19.82
C GLY B 315 -4.05 -4.94 19.47
N SER B 316 -4.66 -5.63 18.52
CA SER B 316 -6.02 -5.32 18.07
C SER B 316 -7.09 -5.82 19.03
N GLY B 317 -6.72 -6.48 20.12
CA GLY B 317 -7.68 -6.89 21.14
C GLY B 317 -8.41 -8.18 20.87
N MET B 318 -7.79 -9.10 20.13
CA MET B 318 -8.48 -10.28 19.61
C MET B 318 -8.09 -11.58 20.31
N VAL B 319 -7.44 -11.51 21.47
CA VAL B 319 -7.01 -12.73 22.13
C VAL B 319 -8.21 -13.56 22.58
N GLU B 320 -9.13 -12.94 23.33
CA GLU B 320 -10.31 -13.66 23.79
C GLU B 320 -11.12 -14.17 22.61
N PHE B 321 -11.29 -13.34 21.58
CA PHE B 321 -12.04 -13.77 20.40
C PHE B 321 -11.41 -15.02 19.80
N SER B 322 -10.09 -15.03 19.66
CA SER B 322 -9.43 -16.16 19.03
C SER B 322 -9.65 -17.46 19.80
N LYS B 323 -9.69 -17.38 21.14
CA LYS B 323 -9.95 -18.58 21.93
C LYS B 323 -11.39 -19.04 21.76
N LYS B 324 -12.34 -18.10 21.87
CA LYS B 324 -13.75 -18.48 21.90
C LYS B 324 -14.29 -18.86 20.52
N PHE B 325 -13.72 -18.32 19.44
CA PHE B 325 -14.21 -18.57 18.08
C PHE B 325 -13.04 -18.90 17.15
N PRO B 326 -12.33 -20.00 17.41
CA PRO B 326 -11.11 -20.28 16.62
C PRO B 326 -11.37 -20.46 15.15
N ASP B 327 -12.53 -20.97 14.76
CA ASP B 327 -12.82 -21.17 13.34
C ASP B 327 -13.38 -19.93 12.66
N ARG B 328 -13.47 -18.81 13.38
CA ARG B 328 -13.87 -17.53 12.82
C ARG B 328 -12.73 -16.52 12.84
N TYR B 329 -11.54 -16.95 13.28
CA TYR B 329 -10.39 -16.09 13.47
C TYR B 329 -9.31 -16.47 12.48
N PHE B 330 -8.69 -15.47 11.86
CA PHE B 330 -7.66 -15.71 10.84
C PHE B 330 -6.51 -14.72 11.01
N ASP B 331 -5.34 -15.25 11.36
CA ASP B 331 -4.08 -14.52 11.40
C ASP B 331 -3.33 -14.88 10.12
N VAL B 332 -3.12 -13.90 9.23
CA VAL B 332 -2.46 -14.16 7.96
C VAL B 332 -0.96 -13.85 8.02
N ALA B 333 -0.39 -13.77 9.22
CA ALA B 333 1.00 -13.39 9.36
C ALA B 333 1.12 -11.92 8.95
N ILE B 334 2.35 -11.41 8.76
CA ILE B 334 2.52 -9.99 8.51
C ILE B 334 2.23 -9.71 7.03
N ALA B 335 0.94 -9.76 6.66
CA ALA B 335 0.53 -9.75 5.26
C ALA B 335 -0.71 -8.86 5.15
N GLU B 336 -0.52 -7.56 5.34
CA GLU B 336 -1.65 -6.63 5.26
C GLU B 336 -2.37 -6.76 3.93
N GLN B 337 -1.63 -6.96 2.86
CA GLN B 337 -2.24 -7.04 1.54
C GLN B 337 -3.21 -8.22 1.46
N HIS B 338 -2.71 -9.42 1.74
CA HIS B 338 -3.54 -10.61 1.68
C HIS B 338 -4.69 -10.53 2.66
N ALA B 339 -4.46 -9.92 3.83
CA ALA B 339 -5.55 -9.77 4.78
C ALA B 339 -6.77 -9.18 4.10
N VAL B 340 -6.57 -8.13 3.31
CA VAL B 340 -7.71 -7.44 2.72
C VAL B 340 -8.35 -8.26 1.60
N THR B 341 -7.54 -8.76 0.67
CA THR B 341 -8.17 -9.47 -0.44
C THR B 341 -8.73 -10.82 0.00
N PHE B 342 -8.17 -11.40 1.07
CA PHE B 342 -8.79 -12.55 1.69
C PHE B 342 -10.19 -12.19 2.20
N ALA B 343 -10.30 -11.05 2.89
CA ALA B 343 -11.62 -10.59 3.33
C ALA B 343 -12.56 -10.43 2.15
N ALA B 344 -12.07 -9.86 1.04
CA ALA B 344 -12.94 -9.74 -0.12
C ALA B 344 -13.47 -11.11 -0.56
N GLY B 345 -12.61 -12.14 -0.54
CA GLY B 345 -13.06 -13.48 -0.89
C GLY B 345 -14.17 -13.98 0.02
N LEU B 346 -14.01 -13.82 1.33
CA LEU B 346 -15.05 -14.22 2.25
C LEU B 346 -16.37 -13.51 1.94
N ALA B 347 -16.30 -12.20 1.67
CA ALA B 347 -17.50 -11.45 1.31
C ALA B 347 -18.12 -12.00 0.04
N ILE B 348 -17.29 -12.31 -0.97
CA ILE B 348 -17.84 -12.91 -2.19
C ILE B 348 -18.60 -14.19 -1.86
N GLY B 349 -18.08 -14.98 -0.93
CA GLY B 349 -18.77 -16.18 -0.50
C GLY B 349 -19.84 -15.94 0.55
N ASP B 350 -20.30 -14.70 0.69
CA ASP B 350 -21.46 -14.34 1.50
C ASP B 350 -21.21 -14.41 3.01
N TYR B 351 -19.96 -14.38 3.45
CA TYR B 351 -19.70 -14.19 4.87
C TYR B 351 -19.43 -12.71 5.13
N LYS B 352 -19.35 -12.34 6.40
CA LYS B 352 -19.16 -10.94 6.77
C LYS B 352 -17.78 -10.73 7.40
N PRO B 353 -16.76 -10.40 6.61
CA PRO B 353 -15.41 -10.29 7.15
C PRO B 353 -15.11 -8.94 7.78
N VAL B 354 -14.30 -8.98 8.84
CA VAL B 354 -13.82 -7.79 9.53
C VAL B 354 -12.28 -7.81 9.50
N VAL B 355 -11.68 -6.83 8.85
CA VAL B 355 -10.23 -6.69 8.84
C VAL B 355 -9.85 -5.75 9.96
N ALA B 356 -9.14 -6.28 10.96
CA ALA B 356 -8.57 -5.47 12.03
C ALA B 356 -7.16 -5.11 11.63
N ILE B 357 -6.84 -3.82 11.63
CA ILE B 357 -5.58 -3.36 11.06
C ILE B 357 -5.31 -1.95 11.58
N TYR B 358 -4.04 -1.71 11.95
CA TYR B 358 -3.60 -0.37 12.35
C TYR B 358 -3.62 0.57 11.16
N SER B 359 -3.99 1.82 11.43
CA SER B 359 -3.96 2.83 10.39
C SER B 359 -2.63 2.83 9.66
N THR B 360 -1.52 2.85 10.40
CA THR B 360 -0.20 2.91 9.77
C THR B 360 0.04 1.70 8.87
N PHE B 361 -0.34 0.49 9.32
CA PHE B 361 -0.13 -0.69 8.49
C PHE B 361 -1.16 -0.82 7.38
N LEU B 362 -2.31 -0.15 7.50
CA LEU B 362 -3.25 -0.15 6.40
C LEU B 362 -2.66 0.51 5.16
N GLN B 363 -1.68 1.42 5.33
CA GLN B 363 -0.98 2.00 4.17
C GLN B 363 -0.50 0.93 3.20
N ARG B 364 -0.02 -0.21 3.72
CA ARG B 364 0.53 -1.27 2.88
C ARG B 364 -0.54 -2.05 2.11
N ALA B 365 -1.82 -1.94 2.48
CA ALA B 365 -2.89 -2.64 1.77
C ALA B 365 -3.81 -1.70 1.00
N TYR B 366 -3.33 -0.48 0.71
CA TYR B 366 -4.14 0.55 0.06
C TYR B 366 -4.69 0.06 -1.26
N ASP B 367 -3.86 -0.54 -2.11
CA ASP B 367 -4.32 -1.03 -3.40
C ASP B 367 -5.38 -2.12 -3.25
N GLN B 368 -5.31 -2.93 -2.19
CA GLN B 368 -6.32 -3.98 -2.04
C GLN B 368 -7.66 -3.37 -1.59
N VAL B 369 -7.60 -2.36 -0.72
CA VAL B 369 -8.79 -1.60 -0.36
C VAL B 369 -9.47 -1.04 -1.60
N ILE B 370 -8.70 -0.33 -2.42
CA ILE B 370 -9.28 0.33 -3.59
C ILE B 370 -9.78 -0.71 -4.58
N HIS B 371 -8.92 -1.64 -4.98
CA HIS B 371 -9.16 -2.49 -6.13
C HIS B 371 -10.00 -3.71 -5.79
N ASP B 372 -9.78 -4.31 -4.62
CA ASP B 372 -10.39 -5.59 -4.29
C ASP B 372 -11.54 -5.44 -3.32
N VAL B 373 -11.91 -4.22 -2.95
CA VAL B 373 -13.06 -4.01 -2.09
C VAL B 373 -13.93 -2.86 -2.60
N ALA B 374 -13.38 -1.65 -2.71
CA ALA B 374 -14.19 -0.50 -3.09
C ALA B 374 -14.71 -0.64 -4.52
N ILE B 375 -13.80 -0.87 -5.47
CA ILE B 375 -14.20 -1.16 -6.85
C ILE B 375 -15.17 -2.34 -6.92
N GLN B 376 -15.06 -3.30 -6.00
CA GLN B 376 -15.95 -4.46 -6.02
C GLN B 376 -17.28 -4.22 -5.35
N LYS B 377 -17.42 -3.13 -4.59
CA LYS B 377 -18.61 -2.91 -3.79
C LYS B 377 -18.81 -4.02 -2.78
N LEU B 378 -17.70 -4.64 -2.34
CA LEU B 378 -17.90 -5.73 -1.39
C LEU B 378 -18.02 -5.15 0.02
N PRO B 379 -18.94 -5.61 0.85
CA PRO B 379 -19.05 -5.07 2.22
C PRO B 379 -18.04 -5.62 3.23
N VAL B 380 -16.80 -5.15 3.17
CA VAL B 380 -15.81 -5.47 4.19
C VAL B 380 -15.84 -4.39 5.27
N LEU B 381 -15.91 -4.79 6.54
CA LEU B 381 -15.74 -3.87 7.66
C LEU B 381 -14.25 -3.77 8.04
N PHE B 382 -13.71 -2.54 8.02
CA PHE B 382 -12.34 -2.23 8.47
C PHE B 382 -12.39 -1.59 9.85
N ALA B 383 -11.75 -2.20 10.83
CA ALA B 383 -11.67 -1.68 12.18
C ALA B 383 -10.25 -1.21 12.39
N ILE B 384 -10.04 0.10 12.30
CA ILE B 384 -8.72 0.67 12.13
C ILE B 384 -8.26 1.18 13.49
N ASP B 385 -7.39 0.40 14.13
CA ASP B 385 -6.86 0.71 15.45
C ASP B 385 -5.64 1.64 15.31
N ARG B 386 -5.16 2.15 16.45
CA ARG B 386 -3.99 3.05 16.48
C ARG B 386 -4.14 4.21 15.51
N ALA B 387 -5.37 4.68 15.34
CA ALA B 387 -5.63 5.89 14.55
C ALA B 387 -5.15 7.12 15.29
N GLY B 388 -4.54 8.06 14.57
CA GLY B 388 -4.02 9.27 15.19
C GLY B 388 -2.66 9.13 15.84
N ILE B 389 -2.45 9.81 16.97
CA ILE B 389 -1.17 9.80 17.67
C ILE B 389 -1.04 8.49 18.42
N VAL B 390 0.03 7.73 18.15
CA VAL B 390 0.22 6.45 18.82
C VAL B 390 1.16 6.52 20.02
N GLY B 391 1.99 7.56 20.12
CA GLY B 391 2.84 7.74 21.28
C GLY B 391 4.27 7.34 21.00
N ALA B 392 4.83 6.48 21.86
CA ALA B 392 6.26 6.26 21.92
C ALA B 392 6.85 5.56 20.69
N ASP B 393 6.04 4.92 19.84
CA ASP B 393 6.60 4.28 18.66
C ASP B 393 7.01 5.29 17.58
N GLY B 394 6.45 6.51 17.62
CA GLY B 394 6.98 7.60 16.82
C GLY B 394 6.61 7.55 15.34
N GLN B 395 7.47 8.18 14.54
CA GLN B 395 7.13 8.54 13.16
C GLN B 395 6.65 7.36 12.34
N THR B 396 7.28 6.20 12.49
CA THR B 396 7.06 5.09 11.58
C THR B 396 5.72 4.42 11.79
N HIS B 397 5.09 4.65 12.94
CA HIS B 397 3.88 3.93 13.33
C HIS B 397 2.63 4.80 13.38
N GLN B 398 2.76 6.11 13.16
CA GLN B 398 1.63 7.00 13.41
C GLN B 398 0.42 6.66 12.55
N GLY B 399 -0.76 6.73 13.15
CA GLY B 399 -1.99 6.57 12.39
C GLY B 399 -2.45 7.89 11.79
N ALA B 400 -1.61 8.47 10.93
CA ALA B 400 -1.72 9.88 10.60
C ALA B 400 -2.50 10.18 9.33
N PHE B 401 -2.68 9.22 8.43
CA PHE B 401 -3.16 9.59 7.10
C PHE B 401 -4.45 8.90 6.63
N ASP B 402 -5.04 8.00 7.43
CA ASP B 402 -6.12 7.16 6.89
C ASP B 402 -7.34 7.98 6.49
N LEU B 403 -7.66 9.04 7.25
CA LEU B 403 -8.81 9.86 6.87
C LEU B 403 -8.58 10.50 5.51
N SER B 404 -7.32 10.80 5.17
CA SER B 404 -7.00 11.41 3.89
C SER B 404 -6.94 10.38 2.78
N PHE B 405 -6.14 9.29 2.95
CA PHE B 405 -6.06 8.35 1.84
C PHE B 405 -7.36 7.53 1.66
N LEU B 406 -8.15 7.32 2.72
CA LEU B 406 -9.41 6.61 2.51
C LEU B 406 -10.45 7.52 1.84
N ARG B 407 -10.47 8.80 2.24
CA ARG B 407 -11.49 9.77 1.84
C ARG B 407 -11.68 9.85 0.33
N CYS B 408 -10.58 9.77 -0.43
CA CYS B 408 -10.60 10.11 -1.85
C CYS B 408 -11.07 8.96 -2.72
N ILE B 409 -11.21 7.77 -2.15
CA ILE B 409 -11.62 6.57 -2.89
C ILE B 409 -13.14 6.53 -2.97
N PRO B 410 -13.73 6.43 -4.15
CA PRO B 410 -15.19 6.35 -4.24
C PRO B 410 -15.73 5.13 -3.50
N ASP B 411 -16.99 5.24 -3.06
CA ASP B 411 -17.78 4.13 -2.52
C ASP B 411 -17.17 3.55 -1.25
N MET B 412 -16.56 4.42 -0.44
CA MET B 412 -16.01 4.07 0.85
C MET B 412 -16.72 4.89 1.93
N VAL B 413 -17.15 4.22 3.01
CA VAL B 413 -17.77 4.89 4.17
C VAL B 413 -16.76 4.95 5.30
N VAL B 414 -16.64 6.11 5.94
CA VAL B 414 -15.52 6.36 6.86
C VAL B 414 -16.06 7.04 8.11
N MET B 415 -15.91 6.39 9.26
CA MET B 415 -16.52 6.83 10.51
C MET B 415 -15.43 7.06 11.56
N THR B 416 -15.64 8.09 12.38
CA THR B 416 -14.69 8.50 13.43
C THR B 416 -15.44 8.54 14.75
N PRO B 417 -15.53 7.41 15.44
CA PRO B 417 -16.24 7.40 16.74
C PRO B 417 -15.56 8.35 17.72
N SER B 418 -16.38 9.00 18.55
CA SER B 418 -15.89 9.93 19.57
C SER B 418 -15.81 9.33 20.96
N ASP B 419 -16.45 8.18 21.19
CA ASP B 419 -16.36 7.47 22.47
C ASP B 419 -16.67 6.00 22.23
N GLU B 420 -16.55 5.20 23.30
CA GLU B 420 -16.64 3.74 23.16
C GLU B 420 -18.03 3.29 22.69
N ASN B 421 -19.08 4.04 23.05
CA ASN B 421 -20.42 3.69 22.57
C ASN B 421 -20.58 4.01 21.09
N GLU B 422 -20.18 5.22 20.68
CA GLU B 422 -20.13 5.54 19.26
C GLU B 422 -19.32 4.50 18.50
N CYS B 423 -18.20 4.06 19.08
CA CYS B 423 -17.38 3.05 18.42
C CYS B 423 -18.16 1.78 18.16
N ARG B 424 -18.91 1.30 19.16
CA ARG B 424 -19.73 0.11 18.96
C ARG B 424 -20.86 0.36 17.96
N GLN B 425 -21.54 1.51 18.07
CA GLN B 425 -22.62 1.80 17.12
C GLN B 425 -22.11 1.81 15.69
N MET B 426 -20.88 2.31 15.49
CA MET B 426 -20.33 2.40 14.14
C MET B 426 -19.83 1.04 13.62
N LEU B 427 -19.21 0.24 14.49
CA LEU B 427 -18.87 -1.13 14.08
C LEU B 427 -20.12 -1.87 13.65
N TYR B 428 -21.14 -1.86 14.52
CA TYR B 428 -22.43 -2.46 14.20
C TYR B 428 -22.98 -1.92 12.87
N THR B 429 -22.93 -0.59 12.71
CA THR B 429 -23.47 0.03 11.50
C THR B 429 -22.75 -0.50 10.27
N GLY B 430 -21.41 -0.40 10.26
CA GLY B 430 -20.65 -0.89 9.13
C GLY B 430 -20.86 -2.37 8.92
N TYR B 431 -20.97 -3.13 10.03
CA TYR B 431 -21.13 -4.57 9.92
C TYR B 431 -22.39 -4.94 9.16
N HIS B 432 -23.47 -4.17 9.36
CA HIS B 432 -24.75 -4.47 8.73
C HIS B 432 -24.98 -3.66 7.47
N TYR B 433 -24.03 -2.81 7.09
CA TYR B 433 -24.12 -2.03 5.86
C TYR B 433 -23.63 -2.91 4.70
N SER B 434 -24.51 -3.27 3.79
CA SER B 434 -24.15 -4.25 2.76
C SER B 434 -23.89 -3.65 1.39
N ASP B 435 -23.99 -2.32 1.23
CA ASP B 435 -23.80 -1.71 -0.08
C ASP B 435 -22.33 -1.58 -0.46
N GLY B 436 -21.41 -1.66 0.50
CA GLY B 436 -19.99 -1.56 0.22
C GLY B 436 -19.17 -1.43 1.48
N PRO B 437 -17.88 -1.09 1.33
CA PRO B 437 -16.95 -1.09 2.47
C PRO B 437 -17.24 0.01 3.47
N CYS B 438 -17.03 -0.31 4.75
CA CYS B 438 -17.07 0.68 5.82
C CYS B 438 -15.80 0.59 6.63
N ALA B 439 -15.32 1.74 7.08
CA ALA B 439 -14.14 1.82 7.92
C ALA B 439 -14.47 2.59 9.18
N VAL B 440 -13.97 2.09 10.31
CA VAL B 440 -14.14 2.71 11.61
C VAL B 440 -12.75 2.81 12.23
N ARG B 441 -12.33 4.03 12.55
CA ARG B 441 -10.98 4.26 13.04
C ARG B 441 -11.04 4.82 14.45
N TYR B 442 -10.13 4.36 15.30
CA TYR B 442 -10.11 4.78 16.70
C TYR B 442 -8.68 4.72 17.20
N PRO B 443 -8.37 5.42 18.27
CA PRO B 443 -6.98 5.50 18.75
C PRO B 443 -6.62 4.36 19.70
N ARG B 444 -5.31 4.23 19.90
CA ARG B 444 -4.79 3.47 21.03
C ARG B 444 -5.18 4.17 22.32
N GLY B 445 -5.69 3.41 23.28
CA GLY B 445 -6.01 3.94 24.59
C GLY B 445 -7.48 3.77 24.93
N SER B 446 -7.88 4.41 26.03
CA SER B 446 -9.17 4.16 26.67
C SER B 446 -10.15 5.29 26.37
N GLY B 447 -11.44 4.94 26.42
CA GLY B 447 -12.50 5.91 26.18
C GLY B 447 -12.81 6.78 27.38
N THR B 448 -14.04 7.27 27.43
CA THR B 448 -14.47 8.20 28.46
C THR B 448 -15.23 7.53 29.60
N GLY B 449 -15.61 6.28 29.45
CA GLY B 449 -16.58 5.69 30.36
C GLY B 449 -18.01 5.89 29.93
N ALA B 450 -18.25 6.09 28.64
CA ALA B 450 -19.59 6.41 28.14
C ALA B 450 -20.52 5.22 28.28
N THR B 451 -21.81 5.51 28.53
CA THR B 451 -22.81 4.46 28.63
C THR B 451 -22.91 3.70 27.32
N LEU B 452 -22.86 2.37 27.41
CA LEU B 452 -22.99 1.50 26.24
C LEU B 452 -24.48 1.22 26.03
N GLU B 453 -25.05 1.88 25.03
CA GLU B 453 -26.47 1.79 24.71
C GLU B 453 -26.74 0.60 23.82
N PRO B 454 -28.01 0.22 23.66
CA PRO B 454 -28.34 -0.84 22.69
C PRO B 454 -27.88 -0.42 21.30
N LEU B 455 -27.58 -1.42 20.48
CA LEU B 455 -27.01 -1.17 19.16
C LEU B 455 -28.12 -1.00 18.12
N ALA B 456 -27.98 0.02 17.27
CA ALA B 456 -28.81 0.21 16.09
C ALA B 456 -28.02 1.02 15.07
N SER B 457 -28.28 0.76 13.79
CA SER B 457 -27.57 1.47 12.74
C SER B 457 -27.82 2.96 12.85
N LEU B 458 -26.73 3.71 12.82
CA LEU B 458 -26.76 5.16 12.77
C LEU B 458 -27.11 5.62 11.36
N PRO B 459 -27.84 6.73 11.23
CA PRO B 459 -28.06 7.30 9.89
C PRO B 459 -26.74 7.66 9.23
N ILE B 460 -26.58 7.20 7.99
CA ILE B 460 -25.31 7.36 7.29
C ILE B 460 -25.11 8.82 6.92
N GLY B 461 -23.91 9.33 7.20
CA GLY B 461 -23.59 10.70 6.81
C GLY B 461 -24.34 11.78 7.56
N LYS B 462 -24.67 11.53 8.82
CA LYS B 462 -25.36 12.52 9.64
C LYS B 462 -24.59 12.71 10.94
N GLY B 463 -24.32 13.97 11.28
CA GLY B 463 -23.68 14.32 12.53
C GLY B 463 -24.69 14.64 13.61
N VAL B 464 -24.17 14.99 14.78
CA VAL B 464 -25.01 15.18 15.95
C VAL B 464 -24.61 16.48 16.63
N VAL B 465 -25.57 17.38 16.78
CA VAL B 465 -25.33 18.64 17.47
C VAL B 465 -25.23 18.36 18.96
N LYS B 466 -24.16 18.85 19.58
CA LYS B 466 -23.97 18.66 21.01
C LYS B 466 -24.19 19.92 21.82
N ARG B 467 -23.94 21.08 21.22
CA ARG B 467 -24.04 22.36 21.91
C ARG B 467 -24.46 23.40 20.89
N GLN B 468 -25.27 24.35 21.33
CA GLN B 468 -25.67 25.46 20.48
C GLN B 468 -25.05 26.73 21.04
N GLY B 469 -24.26 27.40 20.21
CA GLY B 469 -23.64 28.67 20.58
C GLY B 469 -23.92 29.71 19.51
N GLU B 470 -22.90 30.53 19.25
CA GLU B 470 -23.03 31.60 18.27
C GLU B 470 -21.65 32.02 17.79
N LYS B 471 -21.61 32.52 16.56
CA LYS B 471 -20.40 33.08 15.95
C LYS B 471 -19.46 31.99 15.43
N ILE B 472 -19.12 31.01 16.27
CA ILE B 472 -18.18 29.95 15.90
C ILE B 472 -18.86 28.60 16.09
N ALA B 473 -18.70 27.72 15.10
CA ALA B 473 -19.14 26.33 15.19
C ALA B 473 -17.94 25.41 15.00
N ILE B 474 -17.81 24.42 15.90
CA ILE B 474 -16.73 23.43 15.84
C ILE B 474 -17.32 22.11 15.36
N LEU B 475 -16.74 21.57 14.30
CA LEU B 475 -17.19 20.32 13.68
C LEU B 475 -16.14 19.26 14.02
N ASN B 476 -16.43 18.45 15.04
CA ASN B 476 -15.48 17.47 15.54
C ASN B 476 -15.63 16.13 14.82
N PHE B 477 -14.51 15.59 14.36
CA PHE B 477 -14.45 14.26 13.77
C PHE B 477 -13.50 13.43 14.62
N GLY B 478 -14.04 12.60 15.53
CA GLY B 478 -13.26 11.55 16.18
C GLY B 478 -13.19 11.74 17.68
N THR B 479 -12.11 11.21 18.27
CA THR B 479 -12.03 11.09 19.72
C THR B 479 -11.54 12.35 20.42
N LEU B 480 -11.27 13.45 19.71
CA LEU B 480 -10.91 14.70 20.37
C LEU B 480 -12.13 15.48 20.86
N LEU B 481 -13.31 14.88 20.83
CA LEU B 481 -14.54 15.61 21.16
C LEU B 481 -14.52 16.25 22.54
N PRO B 482 -14.05 15.57 23.60
CA PRO B 482 -14.09 16.22 24.93
C PRO B 482 -13.34 17.54 24.98
N GLU B 483 -12.22 17.63 24.26
CA GLU B 483 -11.49 18.89 24.19
C GLU B 483 -12.33 19.96 23.53
N ALA B 484 -12.92 19.62 22.37
CA ALA B 484 -13.80 20.56 21.70
C ALA B 484 -14.94 21.00 22.61
N ALA B 485 -15.46 20.09 23.43
CA ALA B 485 -16.58 20.45 24.31
C ALA B 485 -16.15 21.47 25.35
N ALA B 486 -14.95 21.29 25.91
CA ALA B 486 -14.44 22.27 26.87
C ALA B 486 -14.21 23.62 26.20
N VAL B 487 -13.73 23.62 24.96
CA VAL B 487 -13.57 24.88 24.24
C VAL B 487 -14.93 25.49 23.92
N ALA B 488 -15.86 24.67 23.44
CA ALA B 488 -17.19 25.17 23.11
C ALA B 488 -17.81 25.92 24.28
N ASP B 489 -17.65 25.42 25.50
CA ASP B 489 -18.22 26.10 26.66
C ASP B 489 -17.51 27.44 26.91
N LYS B 490 -16.19 27.47 26.75
CA LYS B 490 -15.44 28.68 27.06
C LYS B 490 -15.71 29.79 26.04
N LEU B 491 -15.98 29.43 24.78
CA LEU B 491 -16.21 30.40 23.73
C LEU B 491 -17.67 30.50 23.32
N ASN B 492 -18.58 29.85 24.07
CA ASN B 492 -20.00 29.86 23.72
C ASN B 492 -20.20 29.44 22.27
N ALA B 493 -19.47 28.43 21.85
CA ALA B 493 -19.49 27.96 20.48
C ALA B 493 -20.54 26.89 20.27
N THR B 494 -20.89 26.68 19.01
CA THR B 494 -21.66 25.52 18.63
C THR B 494 -20.71 24.35 18.41
N LEU B 495 -21.14 23.16 18.84
CA LEU B 495 -20.30 21.96 18.78
C LEU B 495 -21.10 20.82 18.17
N VAL B 496 -20.58 20.22 17.11
CA VAL B 496 -21.23 19.09 16.46
C VAL B 496 -20.24 17.93 16.38
N ASP B 497 -20.76 16.71 16.54
CA ASP B 497 -20.01 15.48 16.36
C ASP B 497 -20.37 14.92 14.99
N MET B 498 -19.44 15.04 14.02
CA MET B 498 -19.80 14.79 12.63
C MET B 498 -20.02 13.32 12.34
N ARG B 499 -19.33 12.43 13.08
CA ARG B 499 -19.41 10.97 12.99
C ARG B 499 -18.91 10.44 11.66
N PHE B 500 -19.28 11.07 10.56
CA PHE B 500 -18.94 10.57 9.23
C PHE B 500 -17.96 11.53 8.54
N VAL B 501 -16.75 11.03 8.29
CA VAL B 501 -15.83 11.72 7.40
C VAL B 501 -16.31 11.61 5.96
N LYS B 502 -16.88 10.45 5.60
CA LYS B 502 -17.43 10.21 4.28
C LYS B 502 -18.58 9.20 4.36
N PRO B 503 -19.79 9.54 3.89
CA PRO B 503 -20.22 10.83 3.32
C PRO B 503 -20.38 11.87 4.41
N LEU B 504 -20.05 13.13 4.11
CA LEU B 504 -20.25 14.23 5.05
C LEU B 504 -21.72 14.59 5.18
N ASP B 505 -22.09 15.10 6.34
CA ASP B 505 -23.41 15.69 6.55
C ASP B 505 -23.41 17.07 5.89
N THR B 506 -23.65 17.06 4.58
CA THR B 506 -23.61 18.29 3.80
C THR B 506 -24.65 19.30 4.27
N ALA B 507 -25.89 18.86 4.50
CA ALA B 507 -26.93 19.78 4.94
C ALA B 507 -26.54 20.43 6.26
N LEU B 508 -25.98 19.65 7.19
CA LEU B 508 -25.55 20.23 8.46
C LEU B 508 -24.45 21.27 8.24
N ILE B 509 -23.47 20.96 7.38
CA ILE B 509 -22.39 21.91 7.13
C ILE B 509 -22.96 23.21 6.59
N LEU B 510 -23.85 23.12 5.61
CA LEU B 510 -24.40 24.33 5.02
C LEU B 510 -25.21 25.14 6.03
N GLN B 511 -25.96 24.45 6.90
CA GLN B 511 -26.80 25.16 7.86
C GLN B 511 -25.95 25.95 8.84
N LEU B 512 -24.97 25.30 9.47
CA LEU B 512 -24.19 26.02 10.47
C LEU B 512 -23.28 27.08 9.84
N ALA B 513 -22.93 26.93 8.55
CA ALA B 513 -22.24 28.01 7.85
C ALA B 513 -23.12 29.25 7.76
N GLY B 514 -24.39 29.08 7.42
CA GLY B 514 -25.28 30.22 7.38
C GLY B 514 -25.60 30.83 8.72
N GLU B 515 -25.23 30.17 9.82
CA GLU B 515 -25.60 30.63 11.14
C GLU B 515 -24.39 31.06 11.97
N HIS B 516 -23.20 31.04 11.39
CA HIS B 516 -21.99 31.40 12.10
C HIS B 516 -21.12 32.24 11.18
N ASP B 517 -20.20 32.97 11.81
CA ASP B 517 -19.22 33.75 11.06
C ASP B 517 -17.97 32.94 10.71
N ALA B 518 -17.69 31.86 11.46
CA ALA B 518 -16.52 31.04 11.17
C ALA B 518 -16.77 29.61 11.64
N LEU B 519 -16.19 28.66 10.90
CA LEU B 519 -16.22 27.26 11.28
C LEU B 519 -14.83 26.82 11.72
N VAL B 520 -14.82 25.76 12.53
CA VAL B 520 -13.61 25.08 12.98
C VAL B 520 -13.82 23.59 12.84
N THR B 521 -12.79 22.87 12.40
CA THR B 521 -12.83 21.42 12.29
C THR B 521 -11.71 20.80 13.12
N LEU B 522 -11.95 19.59 13.61
CA LEU B 522 -11.07 18.94 14.57
C LEU B 522 -10.95 17.46 14.21
N GLU B 523 -9.72 17.01 13.95
CA GLU B 523 -9.47 15.61 13.65
C GLU B 523 -8.07 15.27 14.14
N GLU B 524 -7.87 14.01 14.52
CA GLU B 524 -6.52 13.50 14.77
C GLU B 524 -6.05 12.73 13.54
N ASN B 525 -5.74 13.52 12.52
CA ASN B 525 -5.31 13.07 11.20
C ASN B 525 -4.65 14.27 10.51
N ALA B 526 -3.79 13.98 9.53
CA ALA B 526 -3.17 15.07 8.76
C ALA B 526 -4.22 16.10 8.38
N ILE B 527 -3.83 17.38 8.40
CA ILE B 527 -4.71 18.44 7.90
C ILE B 527 -4.88 18.33 6.39
N MET B 528 -3.80 18.06 5.68
CA MET B 528 -3.85 17.99 4.22
C MET B 528 -4.69 16.79 3.78
N GLY B 529 -5.78 17.07 3.06
CA GLY B 529 -6.68 16.04 2.57
C GLY B 529 -7.53 15.38 3.63
N GLY B 530 -7.45 15.82 4.88
CA GLY B 530 -8.20 15.17 5.95
C GLY B 530 -9.69 15.47 5.99
N ALA B 531 -10.32 15.17 7.13
CA ALA B 531 -11.77 15.36 7.27
C ALA B 531 -12.15 16.82 7.10
N GLY B 532 -11.42 17.72 7.78
CA GLY B 532 -11.72 19.14 7.68
C GLY B 532 -11.53 19.69 6.28
N SER B 533 -10.57 19.14 5.54
CA SER B 533 -10.43 19.53 4.15
C SER B 533 -11.64 19.11 3.34
N GLY B 534 -12.26 17.98 3.69
CA GLY B 534 -13.51 17.58 3.04
C GLY B 534 -14.64 18.55 3.30
N VAL B 535 -14.70 19.11 4.52
CA VAL B 535 -15.67 20.16 4.81
C VAL B 535 -15.40 21.39 3.95
N ASN B 536 -14.14 21.86 3.92
CA ASN B 536 -13.76 22.96 3.02
C ASN B 536 -14.32 22.73 1.64
N GLU B 537 -14.16 21.52 1.11
CA GLU B 537 -14.61 21.23 -0.23
C GLU B 537 -16.11 21.39 -0.38
N VAL B 538 -16.88 21.02 0.64
CA VAL B 538 -18.34 21.16 0.53
C VAL B 538 -18.71 22.63 0.48
N LEU B 539 -18.13 23.44 1.38
CA LEU B 539 -18.46 24.86 1.42
C LEU B 539 -18.07 25.53 0.11
N MET B 540 -16.86 25.26 -0.38
CA MET B 540 -16.42 25.76 -1.68
C MET B 540 -17.38 25.34 -2.80
N ALA B 541 -17.75 24.05 -2.82
CA ALA B 541 -18.62 23.56 -3.89
C ALA B 541 -19.94 24.32 -3.93
N HIS B 542 -20.39 24.84 -2.79
CA HIS B 542 -21.63 25.60 -2.73
C HIS B 542 -21.38 27.10 -2.74
N ARG B 543 -20.17 27.51 -3.14
CA ARG B 543 -19.79 28.90 -3.30
C ARG B 543 -20.08 29.70 -2.05
N ARG B 544 -19.71 29.16 -0.90
CA ARG B 544 -19.85 29.92 0.34
C ARG B 544 -18.57 30.70 0.64
N ALA B 545 -18.69 31.60 1.61
CA ALA B 545 -17.63 32.56 1.95
C ALA B 545 -17.49 32.64 3.46
N VAL B 546 -17.33 31.47 4.08
CA VAL B 546 -17.17 31.31 5.51
C VAL B 546 -15.83 30.64 5.75
N PRO B 547 -14.90 31.27 6.47
CA PRO B 547 -13.60 30.64 6.69
C PRO B 547 -13.69 29.47 7.65
N VAL B 548 -12.78 28.51 7.48
CA VAL B 548 -12.76 27.28 8.25
C VAL B 548 -11.34 27.08 8.78
N LEU B 549 -11.20 26.90 10.08
CA LEU B 549 -9.92 26.61 10.71
C LEU B 549 -9.79 25.09 10.84
N ASN B 550 -8.94 24.49 9.98
CA ASN B 550 -8.73 23.05 9.98
C ASN B 550 -7.65 22.71 11.02
N ILE B 551 -8.08 22.15 12.15
CA ILE B 551 -7.16 21.75 13.21
C ILE B 551 -6.91 20.25 13.08
N GLY B 552 -5.65 19.87 12.98
CA GLY B 552 -5.29 18.47 12.89
C GLY B 552 -3.79 18.27 12.94
N LEU B 553 -3.32 17.25 12.28
CA LEU B 553 -1.88 16.98 12.36
C LEU B 553 -1.12 17.88 11.40
N PRO B 554 -0.01 18.48 11.84
CA PRO B 554 0.79 19.33 10.95
C PRO B 554 1.49 18.48 9.89
N ASP B 555 1.99 19.15 8.86
CA ASP B 555 2.59 18.47 7.71
C ASP B 555 4.05 18.08 7.99
N TYR B 556 4.26 17.33 9.08
CA TYR B 556 5.53 16.64 9.29
C TYR B 556 5.26 15.36 10.08
N PHE B 557 6.20 14.41 10.01
CA PHE B 557 5.98 13.13 10.68
C PHE B 557 6.07 13.35 12.19
N ILE B 558 5.08 12.86 12.91
CA ILE B 558 4.93 13.16 14.33
C ILE B 558 5.99 12.43 15.15
N PRO B 559 6.79 13.12 15.94
CA PRO B 559 7.85 12.48 16.72
C PRO B 559 7.28 11.73 17.93
N GLN B 560 8.20 11.11 18.67
CA GLN B 560 7.86 10.19 19.74
C GLN B 560 7.59 10.92 21.05
N GLY B 561 6.79 10.29 21.89
CA GLY B 561 6.50 10.82 23.21
C GLY B 561 5.25 10.18 23.73
N THR B 562 4.88 10.59 24.95
CA THR B 562 3.58 10.21 25.48
C THR B 562 2.48 10.71 24.55
N GLN B 563 1.45 9.87 24.37
CA GLN B 563 0.31 10.27 23.56
C GLN B 563 -0.28 11.61 24.03
N GLU B 564 -0.41 11.80 25.33
CA GLU B 564 -0.89 13.08 25.84
C GLU B 564 0.14 14.18 25.61
N GLU B 565 1.42 13.87 25.83
CA GLU B 565 2.51 14.81 25.57
C GLU B 565 2.46 15.36 24.16
N ILE B 566 2.46 14.47 23.17
CA ILE B 566 2.54 14.91 21.79
C ILE B 566 1.28 15.67 21.41
N ARG B 567 0.12 15.26 21.93
CA ARG B 567 -1.14 15.96 21.63
C ARG B 567 -1.10 17.39 22.15
N ALA B 568 -0.65 17.57 23.40
CA ALA B 568 -0.43 18.93 23.91
C ALA B 568 0.60 19.67 23.06
N ASP B 569 1.68 18.99 22.69
CA ASP B 569 2.73 19.62 21.89
C ASP B 569 2.19 20.12 20.57
N LEU B 570 1.29 19.36 19.94
CA LEU B 570 0.72 19.79 18.67
C LEU B 570 -0.50 20.70 18.87
N GLY B 571 -0.84 21.07 20.09
CA GLY B 571 -1.98 21.94 20.33
C GLY B 571 -3.33 21.28 20.13
N LEU B 572 -3.42 19.98 20.41
CA LEU B 572 -4.66 19.23 20.23
C LEU B 572 -5.39 19.00 21.55
N ASP B 573 -5.05 19.75 22.59
CA ASP B 573 -5.78 19.73 23.84
C ASP B 573 -6.70 20.95 23.90
N ALA B 574 -7.50 21.03 24.97
CA ALA B 574 -8.45 22.13 25.07
C ALA B 574 -7.74 23.47 25.03
N ALA B 575 -6.64 23.60 25.77
CA ALA B 575 -5.89 24.86 25.77
C ALA B 575 -5.32 25.16 24.39
N GLY B 576 -4.76 24.15 23.71
CA GLY B 576 -4.18 24.40 22.39
C GLY B 576 -5.22 24.72 21.34
N ILE B 577 -6.39 24.09 21.42
CA ILE B 577 -7.46 24.37 20.46
C ILE B 577 -7.97 25.79 20.65
N GLU B 578 -8.27 26.17 21.90
CA GLU B 578 -8.72 27.53 22.13
C GLU B 578 -7.68 28.52 21.63
N ALA B 579 -6.40 28.26 21.93
CA ALA B 579 -5.34 29.15 21.48
C ALA B 579 -5.34 29.26 19.95
N LYS B 580 -5.44 28.13 19.26
CA LYS B 580 -5.43 28.16 17.80
C LYS B 580 -6.55 29.05 17.28
N ILE B 581 -7.77 28.85 17.80
CA ILE B 581 -8.92 29.61 17.32
C ILE B 581 -8.70 31.10 17.49
N ARG B 582 -8.25 31.50 18.69
CA ARG B 582 -8.10 32.92 18.96
C ARG B 582 -7.07 33.57 18.03
N ASP B 583 -5.88 32.96 17.90
CA ASP B 583 -4.87 33.52 17.00
C ASP B 583 -5.41 33.66 15.58
N TRP B 584 -6.14 32.64 15.12
CA TRP B 584 -6.67 32.65 13.76
C TRP B 584 -7.71 33.75 13.56
N LEU B 585 -8.45 34.12 14.60
CA LEU B 585 -9.47 35.13 14.46
C LEU B 585 -8.88 36.53 14.65
N ALA B 586 -7.62 36.70 14.26
CA ALA B 586 -6.87 37.94 14.45
C ALA B 586 -6.92 38.36 15.91
#